data_6S65
#
_entry.id   6S65
#
_cell.length_a   60.703
_cell.length_b   110.401
_cell.length_c   159.541
_cell.angle_alpha   90.000
_cell.angle_beta   90.000
_cell.angle_gamma   90.000
#
_symmetry.space_group_name_H-M   'P 2 21 21'
#
loop_
_entity.id
_entity.type
_entity.pdbx_description
1 polymer 'Homospermidine synthase'
2 non-polymer NICOTINAMIDE-ADENINE-DINUCLEOTIDE
3 water water
#
_entity_poly.entity_id   1
_entity_poly.type   'polypeptide(L)'
_entity_poly.pdbx_seq_one_letter_code
;GPMGTDWPVYHRIDGPIVMIGFGSIGRGTLPLIERHFAFDRSKLVVIDPSDEARKLAEARGVRFIQQAVTRDNYRELLVP
LLTAGPGQGFCVNLSVDTSSLDIMELARENGALYIDTVVEPWLGFYFDPDLKPEARSFYALRETVLAARRNKPGGTTAVS
CCGANPGMVSWFVKQALVNLAADLGVTGEEPTTREEWARLAMDLGVKGIHIAERDTQRASFPKPFDVFVNTWSVEGFVSE
GLQPAELGWGTFERWMPDNARGHDSGCGAGIYLLQPGANTRVRSWTPTAMAQYGFLVTHNESISIADFLTVRDAAGQAVY
RPTCHYAYHPCNDAVLSLHEMFGSGKRQSDWRILDETEIVDGIDELGVLLYGHGKNAYWYGSQLSIEETRRIAPDQNATG
LQVSSAVLAGMVWALENPNAGIVEADDLDFRRCLEVQTPYLGPVVGVYTDWTPLAGRPGLFPEDIDTSDPWQFRNVLVRD
;
_entity_poly.pdbx_strand_id   A,B
#
loop_
_chem_comp.id
_chem_comp.type
_chem_comp.name
_chem_comp.formula
NAD non-polymer NICOTINAMIDE-ADENINE-DINUCLEOTIDE 'C21 H27 N7 O14 P2'
#
# COMPACT_ATOMS: atom_id res chain seq x y z
N ASP A 6 23.44 -34.35 14.57
CA ASP A 6 22.69 -35.33 15.35
C ASP A 6 21.21 -34.92 15.47
N TRP A 7 20.56 -34.75 14.32
CA TRP A 7 19.13 -34.46 14.33
C TRP A 7 18.35 -35.67 14.84
N PRO A 8 17.29 -35.46 15.63
CA PRO A 8 16.52 -36.59 16.14
C PRO A 8 15.77 -37.32 15.03
N VAL A 9 15.86 -38.64 15.02
CA VAL A 9 15.03 -39.47 14.16
C VAL A 9 13.88 -39.97 15.02
N TYR A 10 12.69 -39.42 14.79
CA TYR A 10 11.59 -39.61 15.73
C TYR A 10 10.95 -40.98 15.61
N HIS A 11 10.69 -41.44 14.39
CA HIS A 11 9.95 -42.67 14.20
C HIS A 11 10.32 -43.26 12.84
N ARG A 12 9.90 -44.51 12.64
N ARG A 12 9.94 -44.54 12.67
CA ARG A 12 9.93 -45.15 11.34
CA ARG A 12 9.93 -45.13 11.34
C ARG A 12 8.53 -45.09 10.73
C ARG A 12 8.52 -45.00 10.75
N ILE A 13 8.46 -44.63 9.48
CA ILE A 13 7.22 -44.68 8.72
C ILE A 13 7.27 -46.00 7.94
N ASP A 14 6.31 -46.89 8.22
CA ASP A 14 6.37 -48.26 7.75
C ASP A 14 5.71 -48.47 6.40
N GLY A 15 5.13 -47.43 5.81
CA GLY A 15 4.48 -47.55 4.53
C GLY A 15 4.91 -46.44 3.57
N PRO A 16 4.13 -46.20 2.54
CA PRO A 16 4.48 -45.16 1.57
C PRO A 16 4.22 -43.76 2.13
N ILE A 17 5.03 -42.82 1.66
CA ILE A 17 4.86 -41.39 1.90
C ILE A 17 4.47 -40.77 0.57
N VAL A 18 3.25 -40.25 0.47
CA VAL A 18 2.77 -39.65 -0.76
C VAL A 18 2.63 -38.14 -0.50
N MET A 19 3.50 -37.36 -1.11
CA MET A 19 3.45 -35.89 -1.03
CA MET A 19 3.47 -35.90 -1.04
C MET A 19 2.73 -35.36 -2.26
N ILE A 20 1.56 -34.76 -2.05
CA ILE A 20 0.79 -34.13 -3.11
C ILE A 20 1.15 -32.65 -3.12
N GLY A 21 1.81 -32.21 -4.20
CA GLY A 21 2.27 -30.86 -4.32
C GLY A 21 3.71 -30.68 -3.92
N PHE A 22 4.49 -30.02 -4.78
CA PHE A 22 5.90 -29.81 -4.52
C PHE A 22 6.26 -28.39 -4.90
N GLY A 23 5.61 -27.45 -4.22
CA GLY A 23 5.93 -26.04 -4.33
C GLY A 23 6.80 -25.55 -3.20
N SER A 24 6.61 -24.30 -2.79
CA SER A 24 7.52 -23.72 -1.78
C SER A 24 7.48 -24.52 -0.48
N ILE A 25 6.31 -24.98 -0.05
CA ILE A 25 6.25 -25.72 1.21
C ILE A 25 6.72 -27.17 1.04
N GLY A 26 6.29 -27.85 -0.02
CA GLY A 26 6.75 -29.20 -0.28
C GLY A 26 8.26 -29.28 -0.37
N ARG A 27 8.88 -28.31 -1.04
CA ARG A 27 10.34 -28.29 -1.15
C ARG A 27 11.00 -28.08 0.20
N GLY A 28 10.33 -27.40 1.13
CA GLY A 28 10.91 -27.22 2.45
C GLY A 28 10.59 -28.36 3.41
N THR A 29 9.53 -29.10 3.13
CA THR A 29 9.10 -30.17 4.02
C THR A 29 9.82 -31.48 3.71
N LEU A 30 10.02 -31.81 2.43
CA LEU A 30 10.69 -33.07 2.09
C LEU A 30 12.02 -33.25 2.81
N PRO A 31 12.94 -32.28 2.80
CA PRO A 31 14.21 -32.49 3.54
C PRO A 31 14.03 -32.69 5.03
N LEU A 32 12.96 -32.15 5.63
CA LEU A 32 12.70 -32.43 7.03
C LEU A 32 12.18 -33.84 7.20
N ILE A 33 11.38 -34.32 6.24
CA ILE A 33 10.88 -35.70 6.31
C ILE A 33 12.06 -36.68 6.17
N GLU A 34 12.93 -36.44 5.20
CA GLU A 34 14.12 -37.28 5.04
C GLU A 34 15.02 -37.22 6.26
N ARG A 35 15.02 -36.09 6.97
CA ARG A 35 15.93 -35.89 8.10
C ARG A 35 15.41 -36.56 9.37
N HIS A 36 14.11 -36.52 9.61
CA HIS A 36 13.56 -36.88 10.92
C HIS A 36 12.78 -38.17 10.93
N PHE A 37 12.67 -38.86 9.79
CA PHE A 37 11.98 -40.14 9.74
C PHE A 37 12.83 -41.16 8.99
N ALA A 38 12.78 -42.41 9.45
CA ALA A 38 13.31 -43.54 8.71
C ALA A 38 12.18 -44.17 7.91
N PHE A 39 12.48 -44.58 6.69
CA PHE A 39 11.45 -45.16 5.84
C PHE A 39 12.11 -45.76 4.61
N ASP A 40 11.31 -46.49 3.83
CA ASP A 40 11.76 -47.11 2.58
C ASP A 40 11.83 -46.00 1.52
N ARG A 41 13.04 -45.52 1.25
CA ARG A 41 13.20 -44.38 0.34
C ARG A 41 12.47 -44.57 -0.98
N SER A 42 12.42 -45.80 -1.49
CA SER A 42 11.74 -46.05 -2.74
C SER A 42 10.22 -46.01 -2.61
N LYS A 43 9.71 -45.86 -1.39
CA LYS A 43 8.26 -45.78 -1.17
C LYS A 43 7.75 -44.33 -1.07
N LEU A 44 8.66 -43.36 -1.09
CA LEU A 44 8.28 -41.94 -1.16
C LEU A 44 8.01 -41.54 -2.60
N VAL A 45 6.88 -40.88 -2.84
CA VAL A 45 6.51 -40.42 -4.16
C VAL A 45 5.91 -39.02 -4.07
N VAL A 46 6.27 -38.17 -5.02
CA VAL A 46 5.80 -36.78 -5.11
C VAL A 46 4.93 -36.65 -6.34
N ILE A 47 3.78 -35.98 -6.19
CA ILE A 47 2.82 -35.79 -7.27
C ILE A 47 2.65 -34.29 -7.49
N ASP A 48 3.01 -33.80 -8.68
CA ASP A 48 2.87 -32.38 -8.99
C ASP A 48 2.80 -32.24 -10.50
N PRO A 49 1.93 -31.39 -11.04
CA PRO A 49 1.84 -31.26 -12.51
C PRO A 49 2.95 -30.46 -13.16
N SER A 50 3.77 -29.75 -12.41
CA SER A 50 4.66 -28.75 -13.00
C SER A 50 6.02 -29.33 -13.37
N ASP A 51 6.64 -28.74 -14.41
CA ASP A 51 7.96 -29.15 -14.83
C ASP A 51 9.05 -28.62 -13.91
N GLU A 52 8.86 -27.41 -13.36
CA GLU A 52 9.78 -26.90 -12.35
C GLU A 52 9.90 -27.89 -11.20
N ALA A 53 8.77 -28.42 -10.73
CA ALA A 53 8.78 -29.39 -9.66
C ALA A 53 9.45 -30.70 -10.08
N ARG A 54 9.22 -31.12 -11.32
CA ARG A 54 9.79 -32.40 -11.76
C ARG A 54 11.31 -32.38 -11.69
N LYS A 55 11.93 -31.34 -12.24
CA LYS A 55 13.39 -31.31 -12.28
C LYS A 55 13.98 -31.21 -10.88
N LEU A 56 13.31 -30.49 -9.98
CA LEU A 56 13.77 -30.43 -8.60
C LEU A 56 13.67 -31.81 -7.94
N ALA A 57 12.52 -32.47 -8.10
CA ALA A 57 12.37 -33.80 -7.52
C ALA A 57 13.33 -34.79 -8.17
N GLU A 58 13.56 -34.64 -9.49
CA GLU A 58 14.53 -35.50 -10.16
C GLU A 58 15.91 -35.39 -9.52
N ALA A 59 16.31 -34.18 -9.14
CA ALA A 59 17.63 -33.99 -8.57
C ALA A 59 17.79 -34.76 -7.26
N ARG A 60 16.75 -34.80 -6.43
CA ARG A 60 16.79 -35.57 -5.19
C ARG A 60 16.57 -37.07 -5.42
N GLY A 61 16.25 -37.48 -6.65
CA GLY A 61 16.09 -38.90 -6.91
C GLY A 61 14.90 -39.55 -6.23
N VAL A 62 13.80 -38.80 -6.03
CA VAL A 62 12.59 -39.36 -5.45
C VAL A 62 11.60 -39.61 -6.59
N ARG A 63 10.74 -40.63 -6.42
CA ARG A 63 9.69 -40.90 -7.39
C ARG A 63 8.84 -39.65 -7.65
N PHE A 64 8.64 -39.32 -8.92
CA PHE A 64 7.84 -38.17 -9.32
C PHE A 64 6.78 -38.61 -10.29
N ILE A 65 5.53 -38.31 -9.97
CA ILE A 65 4.43 -38.49 -10.91
C ILE A 65 3.97 -37.10 -11.32
N GLN A 66 4.09 -36.78 -12.62
CA GLN A 66 3.78 -35.45 -13.10
C GLN A 66 2.31 -35.44 -13.50
N GLN A 67 1.44 -35.20 -12.54
CA GLN A 67 0.01 -35.16 -12.82
C GLN A 67 -0.64 -34.16 -11.87
N ALA A 68 -1.73 -33.57 -12.33
CA ALA A 68 -2.63 -32.81 -11.46
C ALA A 68 -3.66 -33.76 -10.87
N VAL A 69 -3.77 -33.77 -9.54
CA VAL A 69 -4.81 -34.55 -8.87
C VAL A 69 -6.14 -33.83 -9.04
N THR A 70 -7.15 -34.55 -9.51
CA THR A 70 -8.45 -33.94 -9.77
C THR A 70 -9.55 -34.83 -9.22
N ARG A 71 -10.76 -34.27 -9.21
CA ARG A 71 -11.92 -35.07 -8.78
C ARG A 71 -12.07 -36.33 -9.62
N ASP A 72 -11.72 -36.23 -10.90
CA ASP A 72 -11.91 -37.33 -11.83
C ASP A 72 -10.90 -38.46 -11.66
N ASN A 73 -9.67 -38.15 -11.22
CA ASN A 73 -8.62 -39.17 -11.17
C ASN A 73 -8.06 -39.45 -9.78
N TYR A 74 -8.57 -38.79 -8.73
CA TYR A 74 -7.85 -38.89 -7.46
C TYR A 74 -7.94 -40.30 -6.89
N ARG A 75 -9.08 -40.98 -7.07
CA ARG A 75 -9.21 -42.33 -6.51
C ARG A 75 -8.24 -43.30 -7.17
N GLU A 76 -8.31 -43.42 -8.50
CA GLU A 76 -7.47 -44.40 -9.19
C GLU A 76 -5.99 -44.06 -9.09
N LEU A 77 -5.66 -42.77 -8.90
CA LEU A 77 -4.27 -42.36 -8.80
C LEU A 77 -3.71 -42.61 -7.40
N LEU A 78 -4.46 -42.29 -6.35
CA LEU A 78 -3.92 -42.28 -5.00
C LEU A 78 -4.10 -43.58 -4.25
N VAL A 79 -5.21 -44.29 -4.45
CA VAL A 79 -5.45 -45.50 -3.67
C VAL A 79 -4.30 -46.50 -3.78
N PRO A 80 -3.87 -46.89 -4.99
CA PRO A 80 -2.73 -47.84 -5.05
C PRO A 80 -1.47 -47.31 -4.37
N LEU A 81 -1.21 -45.99 -4.44
CA LEU A 81 -0.02 -45.45 -3.80
C LEU A 81 -0.16 -45.45 -2.29
N LEU A 82 -1.36 -45.18 -1.78
CA LEU A 82 -1.55 -45.10 -0.33
C LEU A 82 -1.52 -46.49 0.30
N THR A 83 -1.93 -47.52 -0.44
CA THR A 83 -2.09 -48.87 0.09
C THR A 83 -0.97 -49.81 -0.36
N ALA A 84 0.19 -49.27 -0.71
CA ALA A 84 1.28 -50.11 -1.22
C ALA A 84 2.04 -50.87 -0.13
N GLY A 85 1.79 -50.58 1.14
CA GLY A 85 2.41 -51.29 2.23
C GLY A 85 3.91 -51.06 2.32
N PRO A 86 4.60 -51.88 3.14
CA PRO A 86 4.04 -52.97 3.93
C PRO A 86 3.16 -52.53 5.08
N GLY A 87 3.42 -51.32 5.59
CA GLY A 87 2.65 -50.80 6.70
C GLY A 87 1.83 -49.57 6.37
N GLN A 88 1.47 -48.84 7.42
CA GLN A 88 0.60 -47.68 7.28
C GLN A 88 1.35 -46.55 6.58
N GLY A 89 0.72 -46.02 5.52
CA GLY A 89 1.30 -44.91 4.78
C GLY A 89 0.89 -43.56 5.37
N PHE A 90 1.45 -42.51 4.77
CA PHE A 90 1.22 -41.13 5.23
C PHE A 90 1.03 -40.26 3.99
N CYS A 91 -0.13 -39.64 3.89
CA CYS A 91 -0.44 -38.70 2.82
C CYS A 91 -0.17 -37.27 3.33
N VAL A 92 0.74 -36.58 2.67
CA VAL A 92 1.18 -35.24 3.03
C VAL A 92 0.73 -34.31 1.92
N ASN A 93 -0.37 -33.59 2.13
CA ASN A 93 -1.01 -32.77 1.10
C ASN A 93 -0.57 -31.33 1.27
N LEU A 94 0.26 -30.85 0.34
CA LEU A 94 0.80 -29.50 0.33
C LEU A 94 0.58 -28.83 -1.02
N SER A 95 -0.60 -29.00 -1.57
CA SER A 95 -0.93 -28.57 -2.91
C SER A 95 -1.92 -27.41 -2.90
N VAL A 96 -2.11 -26.82 -4.08
CA VAL A 96 -3.25 -25.96 -4.35
C VAL A 96 -4.17 -26.71 -5.30
N ASP A 97 -5.42 -26.25 -5.37
CA ASP A 97 -6.43 -26.65 -6.37
C ASP A 97 -7.03 -28.02 -6.09
N THR A 98 -6.81 -28.62 -4.93
CA THR A 98 -7.30 -29.95 -4.61
C THR A 98 -8.23 -29.92 -3.41
N SER A 99 -9.15 -30.88 -3.35
CA SER A 99 -10.10 -30.95 -2.25
C SER A 99 -9.43 -31.61 -1.05
N SER A 100 -9.15 -30.81 -0.03
CA SER A 100 -8.60 -31.34 1.22
C SER A 100 -9.51 -32.40 1.81
N LEU A 101 -10.82 -32.19 1.75
CA LEU A 101 -11.76 -33.11 2.40
C LEU A 101 -11.84 -34.44 1.65
N ASP A 102 -11.95 -34.40 0.32
CA ASP A 102 -12.05 -35.63 -0.46
C ASP A 102 -10.80 -36.49 -0.32
N ILE A 103 -9.62 -35.89 -0.40
CA ILE A 103 -8.40 -36.65 -0.27
C ILE A 103 -8.22 -37.14 1.16
N MET A 104 -8.60 -36.32 2.13
CA MET A 104 -8.59 -36.76 3.53
C MET A 104 -9.47 -37.99 3.73
N GLU A 105 -10.69 -37.95 3.23
CA GLU A 105 -11.61 -39.07 3.42
C GLU A 105 -11.11 -40.32 2.70
N LEU A 106 -10.52 -40.15 1.52
CA LEU A 106 -9.91 -41.28 0.82
C LEU A 106 -8.77 -41.88 1.63
N ALA A 107 -7.91 -41.04 2.21
CA ALA A 107 -6.82 -41.56 3.02
C ALA A 107 -7.38 -42.34 4.21
N ARG A 108 -8.39 -41.80 4.88
CA ARG A 108 -8.93 -42.45 6.06
C ARG A 108 -9.52 -43.82 5.72
N GLU A 109 -10.38 -43.89 4.71
CA GLU A 109 -11.03 -45.15 4.38
C GLU A 109 -10.05 -46.19 3.87
N ASN A 110 -8.83 -45.81 3.53
CA ASN A 110 -7.77 -46.75 3.17
C ASN A 110 -6.69 -46.87 4.24
N GLY A 111 -6.93 -46.31 5.42
CA GLY A 111 -6.02 -46.50 6.53
C GLY A 111 -4.71 -45.78 6.43
N ALA A 112 -4.63 -44.72 5.62
CA ALA A 112 -3.43 -43.90 5.53
C ALA A 112 -3.59 -42.67 6.42
N LEU A 113 -2.51 -42.30 7.10
CA LEU A 113 -2.47 -41.05 7.83
C LEU A 113 -2.44 -39.88 6.84
N TYR A 114 -2.95 -38.73 7.29
CA TYR A 114 -3.14 -37.59 6.40
C TYR A 114 -2.79 -36.32 7.17
N ILE A 115 -2.15 -35.37 6.48
CA ILE A 115 -1.92 -34.02 7.01
C ILE A 115 -1.99 -33.02 5.86
N ASP A 116 -2.55 -31.84 6.15
CA ASP A 116 -2.54 -30.76 5.17
C ASP A 116 -2.43 -29.44 5.92
N THR A 117 -2.33 -28.35 5.17
CA THR A 117 -2.16 -27.02 5.75
C THR A 117 -3.31 -26.07 5.45
N VAL A 118 -4.43 -26.55 4.89
CA VAL A 118 -5.51 -25.68 4.49
C VAL A 118 -6.69 -26.53 4.06
N VAL A 119 -7.89 -26.00 4.18
CA VAL A 119 -9.10 -26.62 3.64
C VAL A 119 -9.45 -25.84 2.36
N GLU A 120 -9.45 -26.54 1.23
N GLU A 120 -9.41 -26.52 1.23
CA GLU A 120 -9.68 -25.91 -0.07
CA GLU A 120 -9.73 -25.89 -0.05
C GLU A 120 -10.50 -26.87 -0.93
C GLU A 120 -10.56 -26.86 -0.88
N PRO A 121 -11.32 -26.35 -1.84
CA PRO A 121 -12.12 -27.23 -2.69
C PRO A 121 -11.38 -27.65 -3.95
N TRP A 122 -12.00 -28.53 -4.73
CA TRP A 122 -11.48 -28.80 -6.08
C TRP A 122 -11.51 -27.53 -6.91
N LEU A 123 -10.50 -27.35 -7.74
CA LEU A 123 -10.48 -26.27 -8.72
C LEU A 123 -11.79 -26.21 -9.50
N LYS A 132 -21.73 -16.38 -4.45
CA LYS A 132 -22.42 -16.62 -3.18
C LYS A 132 -21.39 -16.68 -2.04
N PRO A 133 -21.21 -15.55 -1.34
CA PRO A 133 -20.11 -15.50 -0.35
C PRO A 133 -20.26 -16.46 0.81
N GLU A 134 -21.48 -16.78 1.26
CA GLU A 134 -21.63 -17.66 2.41
C GLU A 134 -21.00 -19.02 2.13
N ALA A 135 -21.33 -19.62 1.00
CA ALA A 135 -20.56 -20.75 0.51
C ALA A 135 -19.21 -20.27 0.01
N ARG A 136 -18.26 -21.20 -0.06
CA ARG A 136 -16.88 -20.90 -0.44
C ARG A 136 -16.11 -20.25 0.70
N SER A 137 -16.81 -19.75 1.72
CA SER A 137 -16.13 -19.17 2.87
C SER A 137 -15.33 -20.27 3.58
N PHE A 138 -14.26 -19.87 4.27
CA PHE A 138 -13.48 -20.82 5.04
C PHE A 138 -14.27 -21.36 6.22
N TYR A 139 -15.27 -20.61 6.71
CA TYR A 139 -16.18 -21.13 7.72
C TYR A 139 -16.92 -22.36 7.20
N ALA A 140 -17.52 -22.25 6.01
CA ALA A 140 -18.30 -23.37 5.48
C ALA A 140 -17.40 -24.56 5.19
N LEU A 141 -16.22 -24.31 4.62
CA LEU A 141 -15.28 -25.39 4.34
C LEU A 141 -14.86 -26.09 5.61
N ARG A 142 -14.54 -25.33 6.66
CA ARG A 142 -14.28 -25.94 7.96
C ARG A 142 -15.47 -26.78 8.42
N GLU A 143 -16.68 -26.29 8.19
CA GLU A 143 -17.85 -27.03 8.63
C GLU A 143 -17.96 -28.40 7.94
N THR A 144 -17.54 -28.49 6.67
CA THR A 144 -17.57 -29.80 6.02
C THR A 144 -16.66 -30.78 6.75
N VAL A 145 -15.53 -30.31 7.26
CA VAL A 145 -14.60 -31.20 7.96
C VAL A 145 -15.20 -31.62 9.30
N LEU A 146 -15.75 -30.67 10.05
CA LEU A 146 -16.39 -31.03 11.32
C LEU A 146 -17.53 -32.01 11.09
N ALA A 147 -18.30 -31.83 10.02
CA ALA A 147 -19.38 -32.76 9.71
C ALA A 147 -18.84 -34.16 9.44
N ALA A 148 -17.75 -34.26 8.67
CA ALA A 148 -17.14 -35.56 8.40
C ALA A 148 -16.71 -36.23 9.70
N ARG A 149 -16.17 -35.45 10.64
CA ARG A 149 -15.75 -36.03 11.91
C ARG A 149 -16.93 -36.55 12.71
N ARG A 150 -18.07 -35.84 12.66
CA ARG A 150 -19.27 -36.31 13.34
C ARG A 150 -19.85 -37.55 12.65
N ASN A 151 -19.65 -37.68 11.34
N ASN A 151 -19.65 -37.68 11.34
CA ASN A 151 -20.19 -38.82 10.61
CA ASN A 151 -20.21 -38.82 10.62
C ASN A 151 -19.39 -40.09 10.89
C ASN A 151 -19.39 -40.09 10.89
N LYS A 152 -18.08 -39.96 11.02
CA LYS A 152 -17.19 -41.10 11.25
C LYS A 152 -16.27 -40.81 12.42
N PRO A 153 -16.79 -40.89 13.65
CA PRO A 153 -15.94 -40.61 14.82
C PRO A 153 -14.75 -41.56 14.90
N GLY A 154 -13.71 -41.12 15.57
CA GLY A 154 -12.52 -41.95 15.72
C GLY A 154 -11.94 -42.37 14.39
N GLY A 155 -11.15 -43.45 14.44
CA GLY A 155 -10.55 -44.00 13.24
C GLY A 155 -9.17 -43.46 12.98
N THR A 156 -8.73 -43.64 11.73
CA THR A 156 -7.39 -43.23 11.34
C THR A 156 -7.22 -41.71 11.51
N THR A 157 -6.06 -41.30 12.00
CA THR A 157 -5.81 -39.88 12.26
C THR A 157 -5.63 -39.12 10.96
N ALA A 158 -6.30 -37.98 10.85
CA ALA A 158 -6.09 -37.05 9.74
C ALA A 158 -6.01 -35.66 10.35
N VAL A 159 -4.88 -35.00 10.16
CA VAL A 159 -4.63 -33.69 10.75
C VAL A 159 -4.99 -32.61 9.73
N SER A 160 -5.97 -31.79 10.07
CA SER A 160 -6.45 -30.72 9.19
C SER A 160 -5.82 -29.39 9.59
N CYS A 161 -5.30 -28.68 8.59
CA CYS A 161 -4.78 -27.32 8.74
C CYS A 161 -3.71 -27.24 9.82
N CYS A 162 -2.57 -27.85 9.51
CA CYS A 162 -1.44 -27.87 10.42
C CYS A 162 -0.17 -27.31 9.77
N GLY A 163 -0.20 -26.04 9.44
CA GLY A 163 1.02 -25.37 9.04
C GLY A 163 1.41 -24.36 10.09
N ALA A 164 1.94 -23.19 9.67
CA ALA A 164 2.28 -22.17 10.65
C ALA A 164 1.03 -21.43 11.14
N ASN A 165 0.21 -20.99 10.22
CA ASN A 165 -1.10 -20.40 10.54
C ASN A 165 -2.06 -20.58 9.38
N PRO A 166 -3.09 -21.42 9.54
CA PRO A 166 -3.48 -22.19 10.72
C PRO A 166 -2.42 -23.23 11.09
N GLY A 167 -2.38 -23.62 12.36
CA GLY A 167 -1.49 -24.66 12.83
C GLY A 167 -0.72 -24.30 14.08
N MET A 168 0.58 -24.02 13.92
CA MET A 168 1.41 -23.57 15.04
C MET A 168 0.73 -22.51 15.92
N VAL A 169 0.04 -21.53 15.32
CA VAL A 169 -0.47 -20.43 16.15
C VAL A 169 -1.46 -20.95 17.18
N SER A 170 -2.12 -22.09 16.91
CA SER A 170 -2.99 -22.69 17.90
C SER A 170 -2.21 -23.09 19.16
N TRP A 171 -0.97 -23.59 18.97
CA TRP A 171 -0.14 -23.98 20.11
C TRP A 171 0.38 -22.74 20.82
N PHE A 172 0.71 -21.69 20.06
CA PHE A 172 1.09 -20.40 20.67
C PHE A 172 -0.02 -19.84 21.54
N VAL A 173 -1.28 -20.00 21.11
CA VAL A 173 -2.38 -19.47 21.92
C VAL A 173 -2.42 -20.18 23.27
N LYS A 174 -2.23 -21.50 23.27
CA LYS A 174 -2.24 -22.24 24.54
C LYS A 174 -1.08 -21.79 25.43
N GLN A 175 0.12 -21.69 24.88
CA GLN A 175 1.25 -21.27 25.71
C GLN A 175 1.06 -19.84 26.20
N ALA A 176 0.51 -18.96 25.35
CA ALA A 176 0.25 -17.58 25.74
C ALA A 176 -0.72 -17.52 26.91
N LEU A 177 -1.79 -18.33 26.86
CA LEU A 177 -2.77 -18.33 27.94
C LEU A 177 -2.12 -18.76 29.25
N VAL A 178 -1.27 -19.77 29.20
CA VAL A 178 -0.53 -20.23 30.37
C VAL A 178 0.35 -19.11 30.91
N ASN A 179 1.05 -18.41 30.03
CA ASN A 179 1.91 -17.32 30.49
C ASN A 179 1.09 -16.18 31.08
N LEU A 180 -0.08 -15.87 30.51
CA LEU A 180 -0.91 -14.82 31.05
C LEU A 180 -1.46 -15.23 32.42
N ALA A 181 -1.83 -16.51 32.58
CA ALA A 181 -2.36 -16.94 33.86
C ALA A 181 -1.34 -16.76 34.97
N ALA A 182 -0.08 -17.12 34.72
CA ALA A 182 0.94 -16.92 35.74
C ALA A 182 1.20 -15.44 35.98
N ASP A 183 1.30 -14.63 34.92
CA ASP A 183 1.63 -13.22 35.09
C ASP A 183 0.47 -12.43 35.69
N LEU A 184 -0.76 -12.89 35.50
CA LEU A 184 -1.92 -12.26 36.12
C LEU A 184 -2.28 -12.89 37.45
N GLY A 185 -1.39 -13.71 38.03
CA GLY A 185 -1.67 -14.35 39.30
C GLY A 185 -2.94 -15.18 39.33
N VAL A 186 -3.37 -15.69 38.18
CA VAL A 186 -4.53 -16.57 38.12
C VAL A 186 -4.09 -18.00 38.44
N THR A 187 -4.78 -18.63 39.39
CA THR A 187 -4.38 -19.90 39.95
C THR A 187 -5.25 -21.03 39.43
N GLY A 188 -4.68 -22.23 39.38
CA GLY A 188 -5.42 -23.40 38.95
C GLY A 188 -4.58 -24.37 38.16
N GLU A 189 -5.11 -25.56 37.92
CA GLU A 189 -4.44 -26.55 37.09
C GLU A 189 -4.24 -26.03 35.66
N GLU A 190 -3.23 -26.56 34.99
CA GLU A 190 -3.10 -26.31 33.55
C GLU A 190 -4.24 -27.02 32.83
N PRO A 191 -5.03 -26.33 32.01
CA PRO A 191 -6.15 -27.01 31.35
C PRO A 191 -5.66 -28.21 30.56
N THR A 192 -6.53 -29.22 30.48
CA THR A 192 -6.25 -30.42 29.70
C THR A 192 -7.41 -30.79 28.78
N THR A 193 -8.52 -30.07 28.85
CA THR A 193 -9.66 -30.27 27.98
C THR A 193 -10.01 -28.96 27.29
N ARG A 194 -10.75 -29.05 26.19
CA ARG A 194 -11.20 -27.86 25.48
C ARG A 194 -12.01 -26.96 26.40
N GLU A 195 -12.98 -27.54 27.12
CA GLU A 195 -13.82 -26.75 28.02
C GLU A 195 -12.99 -25.97 29.03
N GLU A 196 -11.88 -26.56 29.49
CA GLU A 196 -11.04 -25.91 30.48
C GLU A 196 -10.18 -24.82 29.86
N TRP A 197 -9.73 -25.00 28.62
CA TRP A 197 -9.02 -23.93 27.95
C TRP A 197 -9.95 -22.75 27.73
N ALA A 198 -11.17 -23.00 27.26
CA ALA A 198 -12.11 -21.93 27.01
C ALA A 198 -12.41 -21.14 28.28
N ARG A 199 -12.59 -21.84 29.41
CA ARG A 199 -12.88 -21.17 30.67
C ARG A 199 -11.68 -20.38 31.19
N LEU A 200 -10.46 -20.86 30.94
CA LEU A 200 -9.28 -20.10 31.32
C LEU A 200 -9.19 -18.79 30.53
N ALA A 201 -9.47 -18.84 29.22
CA ALA A 201 -9.52 -17.62 28.44
C ALA A 201 -10.54 -16.65 29.02
N MET A 202 -11.73 -17.16 29.35
CA MET A 202 -12.78 -16.33 29.94
C MET A 202 -12.33 -15.71 31.25
N ASP A 203 -11.69 -16.51 32.11
CA ASP A 203 -11.27 -16.03 33.42
C ASP A 203 -10.21 -14.95 33.30
N LEU A 204 -9.28 -15.09 32.35
CA LEU A 204 -8.27 -14.08 32.15
C LEU A 204 -8.82 -12.82 31.51
N GLY A 205 -10.04 -12.85 31.00
CA GLY A 205 -10.65 -11.69 30.36
C GLY A 205 -10.05 -11.38 29.00
N VAL A 206 -9.79 -12.41 28.19
CA VAL A 206 -9.27 -12.21 26.84
C VAL A 206 -10.43 -11.86 25.92
N LYS A 207 -10.47 -10.61 25.49
CA LYS A 207 -11.56 -10.19 24.61
C LYS A 207 -11.36 -10.71 23.18
N GLY A 208 -10.12 -10.75 22.72
CA GLY A 208 -9.90 -11.21 21.34
C GLY A 208 -8.44 -11.50 21.11
N ILE A 209 -8.16 -12.00 19.90
CA ILE A 209 -6.82 -12.44 19.51
C ILE A 209 -6.60 -12.01 18.05
N HIS A 210 -5.51 -11.34 17.79
CA HIS A 210 -5.02 -11.19 16.42
C HIS A 210 -3.97 -12.26 16.15
N ILE A 211 -4.03 -12.87 14.97
CA ILE A 211 -2.85 -13.53 14.42
C ILE A 211 -2.00 -12.41 13.81
N ALA A 212 -0.99 -11.96 14.55
CA ALA A 212 -0.28 -10.70 14.28
C ALA A 212 1.08 -11.03 13.66
N GLU A 213 1.21 -10.78 12.35
CA GLU A 213 2.38 -11.21 11.61
C GLU A 213 2.97 -10.05 10.81
N ARG A 214 4.28 -9.97 10.83
CA ARG A 214 5.04 -9.03 10.02
C ARG A 214 6.19 -9.77 9.34
N ASP A 215 6.12 -9.88 8.01
CA ASP A 215 7.21 -10.47 7.22
C ASP A 215 8.11 -9.32 6.75
N THR A 216 9.36 -9.33 7.17
CA THR A 216 10.29 -8.28 6.79
C THR A 216 11.36 -8.76 5.83
N GLN A 217 11.18 -9.92 5.23
CA GLN A 217 12.16 -10.41 4.27
C GLN A 217 12.20 -9.48 3.06
N ARG A 218 13.41 -9.11 2.66
CA ARG A 218 13.61 -8.15 1.57
C ARG A 218 14.38 -8.82 0.45
N ALA A 219 14.05 -8.46 -0.78
CA ALA A 219 14.61 -9.10 -1.96
C ALA A 219 15.87 -8.35 -2.41
N SER A 220 16.75 -9.09 -3.10
CA SER A 220 17.96 -8.51 -3.66
C SER A 220 17.70 -7.74 -4.95
N PHE A 221 16.58 -7.99 -5.62
CA PHE A 221 16.21 -7.27 -6.83
C PHE A 221 15.04 -6.31 -6.55
N PRO A 222 14.92 -5.23 -7.31
CA PRO A 222 13.75 -4.36 -7.13
C PRO A 222 12.48 -5.02 -7.65
N LYS A 223 11.35 -4.58 -7.10
CA LYS A 223 10.03 -5.11 -7.46
C LYS A 223 9.77 -4.89 -8.95
N PRO A 224 9.56 -5.96 -9.72
CA PRO A 224 9.28 -5.78 -11.15
C PRO A 224 7.82 -5.44 -11.39
N PHE A 225 7.61 -4.60 -12.40
CA PHE A 225 6.27 -4.18 -12.81
C PHE A 225 5.51 -5.38 -13.33
N ASP A 226 4.23 -5.44 -12.96
CA ASP A 226 3.30 -6.47 -13.43
C ASP A 226 3.77 -7.87 -13.07
N VAL A 227 4.43 -8.01 -11.91
CA VAL A 227 4.80 -9.30 -11.35
C VAL A 227 4.39 -9.28 -9.88
N PHE A 228 3.53 -10.24 -9.48
CA PHE A 228 3.21 -10.42 -8.07
C PHE A 228 4.31 -11.19 -7.37
N VAL A 229 4.86 -10.63 -6.29
CA VAL A 229 5.96 -11.25 -5.54
C VAL A 229 5.52 -11.56 -4.12
N ASN A 230 5.86 -12.76 -3.65
CA ASN A 230 5.52 -13.16 -2.29
C ASN A 230 6.57 -14.16 -1.77
N THR A 231 6.47 -14.46 -0.47
CA THR A 231 7.38 -15.43 0.16
C THR A 231 6.81 -16.83 0.22
N TRP A 232 5.57 -17.02 -0.22
CA TRP A 232 4.94 -18.33 -0.34
C TRP A 232 3.90 -18.23 -1.45
N SER A 233 3.11 -19.29 -1.63
CA SER A 233 2.17 -19.42 -2.73
C SER A 233 1.56 -18.08 -3.16
N VAL A 234 1.83 -17.64 -4.38
CA VAL A 234 1.10 -16.51 -4.92
C VAL A 234 -0.33 -16.92 -5.20
N GLU A 235 -0.53 -18.05 -5.89
CA GLU A 235 -1.89 -18.49 -6.20
C GLU A 235 -2.71 -18.65 -4.94
N GLY A 236 -2.13 -19.28 -3.90
CA GLY A 236 -2.86 -19.43 -2.65
C GLY A 236 -3.17 -18.12 -1.96
N PHE A 237 -2.20 -17.23 -1.86
CA PHE A 237 -2.42 -15.95 -1.18
C PHE A 237 -3.45 -15.11 -1.91
N VAL A 238 -3.33 -15.03 -3.25
CA VAL A 238 -4.26 -14.20 -4.01
C VAL A 238 -5.67 -14.75 -3.89
N SER A 239 -5.81 -16.07 -4.00
CA SER A 239 -7.13 -16.68 -3.87
C SER A 239 -7.74 -16.38 -2.51
N GLU A 240 -6.95 -16.51 -1.45
CA GLU A 240 -7.45 -16.20 -0.12
C GLU A 240 -7.74 -14.71 0.04
N GLY A 241 -6.92 -13.85 -0.55
CA GLY A 241 -7.07 -12.41 -0.40
C GLY A 241 -8.25 -11.83 -1.15
N LEU A 242 -8.72 -12.50 -2.20
CA LEU A 242 -9.88 -12.07 -2.96
C LEU A 242 -11.18 -12.56 -2.35
N GLN A 243 -11.13 -13.52 -1.45
CA GLN A 243 -12.32 -13.98 -0.77
C GLN A 243 -12.76 -12.96 0.30
N PRO A 244 -14.02 -13.03 0.73
CA PRO A 244 -14.51 -12.10 1.76
C PRO A 244 -13.65 -12.19 3.02
N ALA A 245 -13.44 -11.05 3.65
CA ALA A 245 -12.80 -11.03 4.95
C ALA A 245 -13.63 -11.84 5.94
N GLU A 246 -12.95 -12.58 6.81
CA GLU A 246 -13.64 -13.46 7.76
C GLU A 246 -12.95 -13.34 9.10
N LEU A 247 -13.75 -13.44 10.17
CA LEU A 247 -13.20 -13.40 11.52
C LEU A 247 -14.07 -14.22 12.45
N GLY A 248 -13.42 -14.80 13.47
CA GLY A 248 -14.15 -15.29 14.64
C GLY A 248 -14.64 -14.10 15.46
N TRP A 249 -15.89 -14.17 15.90
CA TRP A 249 -16.59 -12.98 16.39
C TRP A 249 -16.85 -13.10 17.88
N GLY A 250 -16.21 -12.25 18.67
CA GLY A 250 -16.24 -12.38 20.12
C GLY A 250 -17.53 -11.85 20.75
N THR A 251 -17.82 -12.38 21.94
CA THR A 251 -19.02 -11.96 22.65
C THR A 251 -18.95 -10.52 23.16
N PHE A 252 -17.74 -9.96 23.30
CA PHE A 252 -17.60 -8.57 23.79
C PHE A 252 -17.86 -7.51 22.73
N GLU A 253 -17.94 -7.88 21.46
CA GLU A 253 -18.12 -6.89 20.42
C GLU A 253 -19.51 -6.29 20.49
N ARG A 254 -19.59 -4.98 20.31
CA ARG A 254 -20.86 -4.26 20.37
C ARG A 254 -21.30 -3.71 19.03
N TRP A 255 -20.45 -3.82 18.00
CA TRP A 255 -20.74 -3.20 16.71
C TRP A 255 -20.15 -4.08 15.62
N MET A 256 -20.90 -4.24 14.53
CA MET A 256 -20.32 -4.81 13.33
C MET A 256 -20.69 -3.95 12.15
N PRO A 257 -19.88 -3.96 11.09
CA PRO A 257 -20.16 -3.08 9.95
C PRO A 257 -21.44 -3.48 9.24
N ASP A 258 -21.97 -2.52 8.47
CA ASP A 258 -23.21 -2.76 7.74
C ASP A 258 -23.08 -3.90 6.75
N ASN A 259 -21.90 -4.11 6.17
CA ASN A 259 -21.70 -5.18 5.20
C ASN A 259 -21.21 -6.49 5.84
N ALA A 260 -21.43 -6.67 7.15
CA ALA A 260 -21.08 -7.91 7.83
C ALA A 260 -22.26 -8.88 7.78
N ARG A 261 -21.95 -10.15 7.76
CA ARG A 261 -22.96 -11.18 7.63
C ARG A 261 -22.58 -12.35 8.54
N GLY A 262 -23.60 -13.09 8.98
CA GLY A 262 -23.40 -14.27 9.79
C GLY A 262 -23.72 -15.54 9.03
N HIS A 263 -23.73 -16.64 9.77
CA HIS A 263 -23.99 -17.96 9.20
C HIS A 263 -25.22 -18.57 9.85
N ASP A 264 -26.06 -19.21 9.03
CA ASP A 264 -27.30 -19.79 9.55
C ASP A 264 -27.05 -21.05 10.37
N SER A 265 -26.05 -21.85 10.03
CA SER A 265 -25.76 -23.07 10.74
C SER A 265 -24.29 -23.11 11.16
N GLY A 266 -23.89 -24.22 11.78
CA GLY A 266 -22.50 -24.44 12.12
C GLY A 266 -22.21 -24.10 13.57
N CYS A 267 -20.92 -24.00 13.86
CA CYS A 267 -20.47 -23.73 15.22
C CYS A 267 -20.88 -22.32 15.69
N GLY A 268 -21.15 -21.40 14.76
CA GLY A 268 -21.67 -20.09 15.11
C GLY A 268 -20.65 -19.07 15.55
N ALA A 269 -19.37 -19.31 15.30
CA ALA A 269 -18.32 -18.49 15.85
C ALA A 269 -17.81 -17.40 14.91
N GLY A 270 -18.39 -17.25 13.71
CA GLY A 270 -17.77 -16.43 12.69
C GLY A 270 -18.72 -15.50 11.97
N ILE A 271 -18.15 -14.40 11.46
CA ILE A 271 -18.85 -13.52 10.54
C ILE A 271 -17.97 -13.34 9.32
N TYR A 272 -18.52 -12.72 8.29
CA TYR A 272 -17.69 -12.33 7.16
C TYR A 272 -18.14 -10.96 6.69
N LEU A 273 -17.25 -10.27 5.99
CA LEU A 273 -17.54 -8.95 5.43
C LEU A 273 -17.59 -9.03 3.91
N LEU A 274 -18.51 -8.27 3.31
CA LEU A 274 -18.68 -8.30 1.84
C LEU A 274 -17.66 -7.38 1.19
N GLN A 275 -16.39 -7.72 1.39
CA GLN A 275 -15.25 -7.01 0.80
C GLN A 275 -14.06 -7.95 0.85
N PRO A 276 -13.13 -7.84 -0.11
CA PRO A 276 -11.99 -8.77 -0.15
C PRO A 276 -11.00 -8.53 0.99
N GLY A 277 -10.57 -9.65 1.58
CA GLY A 277 -9.74 -9.57 2.77
C GLY A 277 -8.43 -8.83 2.56
N ALA A 278 -7.78 -9.06 1.43
CA ALA A 278 -6.44 -8.48 1.25
C ALA A 278 -6.49 -7.00 0.89
N ASN A 279 -7.67 -6.43 0.72
CA ASN A 279 -7.85 -4.99 0.59
C ASN A 279 -8.59 -4.44 1.80
N THR A 280 -8.58 -5.17 2.90
CA THR A 280 -9.19 -4.76 4.17
C THR A 280 -8.09 -4.61 5.19
N ARG A 281 -7.92 -3.39 5.72
CA ARG A 281 -6.85 -3.12 6.69
C ARG A 281 -7.41 -3.07 8.12
N VAL A 282 -6.63 -3.59 9.07
CA VAL A 282 -6.93 -3.50 10.50
C VAL A 282 -5.72 -2.93 11.19
N ARG A 283 -5.96 -2.23 12.31
CA ARG A 283 -4.89 -1.68 13.13
C ARG A 283 -4.39 -2.79 14.07
N SER A 284 -3.10 -3.11 14.00
CA SER A 284 -2.54 -4.17 14.83
C SER A 284 -1.13 -3.78 15.24
N TRP A 285 -0.42 -4.73 15.82
CA TRP A 285 0.83 -4.50 16.51
C TRP A 285 1.64 -5.78 16.50
N THR A 286 2.94 -5.67 16.25
CA THR A 286 3.88 -6.76 16.52
C THR A 286 5.13 -6.17 17.15
N PRO A 287 5.97 -7.00 17.79
CA PRO A 287 7.13 -6.44 18.48
C PRO A 287 8.08 -5.67 17.61
N THR A 288 8.38 -6.17 16.39
CA THR A 288 9.34 -5.48 15.53
C THR A 288 8.70 -4.33 14.75
N ALA A 289 7.46 -4.51 14.35
CA ALA A 289 6.81 -3.47 13.58
C ALA A 289 6.21 -2.39 14.46
N MET A 290 5.93 -2.71 15.72
N MET A 290 5.93 -2.71 15.72
CA MET A 290 5.11 -1.85 16.59
CA MET A 290 5.11 -1.84 16.58
C MET A 290 3.75 -1.69 15.89
C MET A 290 3.76 -1.68 15.90
N ALA A 291 3.11 -0.52 16.04
CA ALA A 291 1.80 -0.33 15.43
C ALA A 291 1.92 -0.41 13.92
N GLN A 292 1.03 -1.17 13.29
CA GLN A 292 1.09 -1.38 11.85
C GLN A 292 -0.32 -1.64 11.32
N TYR A 293 -0.45 -1.55 10.01
CA TYR A 293 -1.61 -2.10 9.34
C TYR A 293 -1.39 -3.58 9.08
N GLY A 294 -2.44 -4.37 9.27
CA GLY A 294 -2.47 -5.74 8.78
C GLY A 294 -3.62 -5.82 7.80
N PHE A 295 -3.62 -6.86 6.98
CA PHE A 295 -4.76 -7.17 6.14
C PHE A 295 -5.57 -8.29 6.77
N LEU A 296 -6.89 -8.15 6.65
CA LEU A 296 -7.83 -9.08 7.29
C LEU A 296 -8.20 -10.21 6.34
N VAL A 297 -7.20 -11.04 6.07
CA VAL A 297 -7.33 -12.13 5.12
C VAL A 297 -7.96 -13.34 5.82
N THR A 298 -8.95 -13.94 5.17
CA THR A 298 -9.68 -15.06 5.77
C THR A 298 -8.71 -16.23 6.01
N HIS A 299 -8.97 -16.98 7.09
CA HIS A 299 -8.06 -18.05 7.50
C HIS A 299 -8.79 -19.00 8.44
N ASN A 300 -8.42 -20.27 8.37
CA ASN A 300 -9.12 -21.30 9.14
C ASN A 300 -9.04 -21.03 10.64
N GLU A 301 -7.86 -20.60 11.12
CA GLU A 301 -7.67 -20.51 12.57
C GLU A 301 -8.49 -19.38 13.16
N SER A 302 -8.86 -18.36 12.36
CA SER A 302 -9.73 -17.30 12.88
C SER A 302 -11.02 -17.87 13.45
N ILE A 303 -11.60 -18.87 12.78
CA ILE A 303 -12.80 -19.53 13.24
C ILE A 303 -12.48 -20.63 14.25
N SER A 304 -11.47 -21.46 13.96
CA SER A 304 -11.23 -22.63 14.82
C SER A 304 -10.79 -22.20 16.21
N ILE A 305 -9.99 -21.14 16.32
CA ILE A 305 -9.54 -20.71 17.64
C ILE A 305 -10.68 -20.11 18.45
N ALA A 306 -11.53 -19.30 17.79
CA ALA A 306 -12.68 -18.72 18.46
C ALA A 306 -13.65 -19.80 18.90
N ASP A 307 -13.86 -20.80 18.04
CA ASP A 307 -14.72 -21.93 18.38
C ASP A 307 -14.16 -22.73 19.56
N PHE A 308 -12.85 -23.04 19.50
CA PHE A 308 -12.20 -23.82 20.56
C PHE A 308 -12.33 -23.14 21.92
N LEU A 309 -12.21 -21.81 21.96
CA LEU A 309 -12.24 -21.09 23.24
C LEU A 309 -13.63 -20.62 23.61
N THR A 310 -14.68 -21.23 23.06
CA THR A 310 -16.05 -20.82 23.37
C THR A 310 -16.54 -21.52 24.64
N VAL A 311 -17.13 -20.76 25.55
CA VAL A 311 -17.78 -21.28 26.75
C VAL A 311 -19.28 -21.21 26.54
N ARG A 312 -19.96 -22.35 26.68
CA ARG A 312 -21.39 -22.43 26.58
C ARG A 312 -21.97 -22.81 27.95
N ASP A 313 -23.22 -22.42 28.15
CA ASP A 313 -23.92 -22.69 29.41
C ASP A 313 -24.76 -23.97 29.26
N ALA A 314 -25.80 -24.09 30.09
CA ALA A 314 -26.61 -25.30 30.11
C ALA A 314 -27.33 -25.50 28.78
N ALA A 315 -28.13 -24.51 28.36
CA ALA A 315 -28.89 -24.61 27.13
C ALA A 315 -28.04 -24.46 25.88
N GLY A 316 -26.72 -24.61 25.99
CA GLY A 316 -25.86 -24.58 24.83
C GLY A 316 -25.58 -23.22 24.22
N GLN A 317 -26.13 -22.15 24.77
CA GLN A 317 -25.83 -20.82 24.26
C GLN A 317 -24.43 -20.38 24.71
N ALA A 318 -23.79 -19.58 23.87
CA ALA A 318 -22.43 -19.12 24.14
C ALA A 318 -22.47 -17.89 25.03
N VAL A 319 -21.71 -17.94 26.12
CA VAL A 319 -21.58 -16.81 27.03
C VAL A 319 -20.22 -16.15 26.93
N TYR A 320 -19.19 -16.84 26.48
CA TYR A 320 -17.92 -16.23 26.19
C TYR A 320 -17.33 -16.81 24.89
N ARG A 321 -16.78 -15.93 24.07
CA ARG A 321 -16.05 -16.30 22.85
C ARG A 321 -15.14 -15.12 22.53
N PRO A 322 -13.87 -15.37 22.24
CA PRO A 322 -12.99 -14.27 21.83
C PRO A 322 -13.13 -13.96 20.35
N THR A 323 -12.93 -12.69 20.01
CA THR A 323 -12.70 -12.33 18.61
C THR A 323 -11.37 -12.90 18.18
N CYS A 324 -11.28 -13.33 16.93
CA CYS A 324 -10.02 -13.84 16.45
C CYS A 324 -9.93 -13.62 14.94
N HIS A 325 -8.84 -12.99 14.49
CA HIS A 325 -8.67 -12.84 13.06
C HIS A 325 -7.22 -12.56 12.70
N TYR A 326 -6.93 -12.64 11.41
CA TYR A 326 -5.59 -12.43 10.88
C TYR A 326 -5.35 -10.92 10.82
N ALA A 327 -4.13 -10.50 11.11
CA ALA A 327 -3.68 -9.13 10.92
C ALA A 327 -2.30 -9.22 10.27
N TYR A 328 -2.31 -9.45 8.96
CA TYR A 328 -1.14 -9.87 8.21
C TYR A 328 -0.51 -8.67 7.53
N HIS A 329 0.74 -8.37 7.88
CA HIS A 329 1.59 -7.47 7.11
C HIS A 329 2.62 -8.32 6.35
N PRO A 330 2.40 -8.60 5.04
CA PRO A 330 3.36 -9.41 4.29
C PRO A 330 4.63 -8.66 3.94
N CYS A 331 5.53 -9.28 3.17
CA CYS A 331 6.79 -8.61 2.82
C CYS A 331 6.51 -7.36 1.97
N ASN A 332 7.49 -6.45 1.96
CA ASN A 332 7.30 -5.18 1.23
C ASN A 332 6.87 -5.40 -0.21
N ASP A 333 7.46 -6.40 -0.88
CA ASP A 333 7.10 -6.66 -2.27
C ASP A 333 5.67 -7.17 -2.39
N ALA A 334 5.18 -7.89 -1.38
CA ALA A 334 3.80 -8.35 -1.44
C ALA A 334 2.83 -7.19 -1.20
N VAL A 335 3.20 -6.25 -0.31
CA VAL A 335 2.36 -5.07 -0.11
C VAL A 335 2.23 -4.32 -1.43
N LEU A 336 3.36 -4.11 -2.13
CA LEU A 336 3.33 -3.46 -3.43
C LEU A 336 2.57 -4.27 -4.46
N SER A 337 2.62 -5.61 -4.36
CA SER A 337 1.89 -6.45 -5.32
C SER A 337 0.40 -6.35 -5.13
N LEU A 338 -0.05 -6.23 -3.88
CA LEU A 338 -1.46 -6.04 -3.62
C LEU A 338 -1.93 -4.67 -4.10
N HIS A 339 -1.14 -3.62 -3.87
CA HIS A 339 -1.48 -2.29 -4.33
C HIS A 339 -1.64 -2.28 -5.84
N GLU A 340 -0.77 -2.99 -6.51
CA GLU A 340 -0.81 -3.12 -7.97
C GLU A 340 -2.01 -3.92 -8.44
N MET A 341 -2.27 -5.06 -7.81
CA MET A 341 -3.38 -5.91 -8.22
C MET A 341 -4.73 -5.25 -8.02
N PHE A 342 -4.99 -4.74 -6.82
CA PHE A 342 -6.29 -4.11 -6.58
C PHE A 342 -6.43 -2.82 -7.36
N GLY A 343 -5.34 -2.08 -7.57
CA GLY A 343 -5.43 -0.84 -8.33
C GLY A 343 -5.64 -1.06 -9.82
N SER A 344 -5.14 -2.19 -10.35
CA SER A 344 -5.41 -2.55 -11.75
C SER A 344 -6.75 -3.25 -11.92
N GLY A 345 -7.28 -3.87 -10.88
CA GLY A 345 -8.50 -4.61 -10.97
C GLY A 345 -8.36 -6.05 -11.43
N LYS A 346 -7.13 -6.55 -11.60
CA LYS A 346 -6.93 -7.92 -12.06
C LYS A 346 -5.54 -8.40 -11.66
N ARG A 347 -5.41 -9.74 -11.61
CA ARG A 347 -4.12 -10.36 -11.33
C ARG A 347 -3.03 -9.93 -12.29
N GLN A 348 -1.82 -9.81 -11.78
CA GLN A 348 -0.66 -9.58 -12.62
C GLN A 348 -0.53 -10.72 -13.62
N SER A 349 0.17 -10.45 -14.73
CA SER A 349 0.37 -11.47 -15.75
C SER A 349 1.48 -12.47 -15.41
N ASP A 350 2.25 -12.22 -14.34
CA ASP A 350 3.32 -13.13 -13.92
C ASP A 350 3.43 -13.08 -12.41
N TRP A 351 4.11 -14.07 -11.84
CA TRP A 351 4.36 -14.08 -10.41
C TRP A 351 5.65 -14.83 -10.07
N ARG A 352 6.18 -14.57 -8.90
CA ARG A 352 7.31 -15.32 -8.40
C ARG A 352 7.33 -15.35 -6.88
N ILE A 353 7.85 -16.45 -6.35
CA ILE A 353 8.07 -16.63 -4.93
C ILE A 353 9.55 -16.38 -4.67
N LEU A 354 9.85 -15.59 -3.64
CA LEU A 354 11.23 -15.29 -3.30
C LEU A 354 11.94 -16.54 -2.75
N ASP A 355 13.03 -16.92 -3.39
CA ASP A 355 13.90 -17.99 -2.93
C ASP A 355 14.86 -17.46 -1.88
N GLU A 356 15.35 -18.35 -1.03
CA GLU A 356 16.27 -17.92 0.01
C GLU A 356 17.51 -17.26 -0.57
N THR A 357 17.90 -17.63 -1.79
CA THR A 357 19.05 -17.00 -2.44
C THR A 357 18.75 -15.56 -2.87
N GLU A 358 17.48 -15.20 -3.02
CA GLU A 358 17.09 -13.87 -3.46
C GLU A 358 16.71 -12.96 -2.30
N ILE A 359 16.88 -13.42 -1.05
CA ILE A 359 16.50 -12.64 0.13
C ILE A 359 17.79 -12.13 0.78
N VAL A 360 17.88 -10.82 0.96
CA VAL A 360 19.09 -10.23 1.52
C VAL A 360 19.07 -10.19 3.05
N ASP A 361 17.89 -10.13 3.66
CA ASP A 361 17.77 -10.10 5.11
C ASP A 361 16.29 -10.17 5.48
N GLY A 362 16.02 -10.20 6.78
CA GLY A 362 14.66 -10.13 7.28
C GLY A 362 14.26 -11.34 8.12
N ILE A 363 13.04 -11.23 8.66
CA ILE A 363 12.45 -12.26 9.52
C ILE A 363 11.01 -12.46 9.12
N ASP A 364 10.43 -13.59 9.54
CA ASP A 364 8.98 -13.76 9.52
C ASP A 364 8.50 -13.76 10.97
N GLU A 365 8.03 -12.60 11.43
CA GLU A 365 7.54 -12.43 12.79
C GLU A 365 6.08 -12.83 12.83
N LEU A 366 5.80 -13.95 13.47
CA LEU A 366 4.48 -14.57 13.46
C LEU A 366 4.10 -14.96 14.88
N GLY A 367 3.02 -14.39 15.40
CA GLY A 367 2.59 -14.73 16.74
C GLY A 367 1.13 -14.44 16.93
N VAL A 368 0.70 -14.53 18.19
CA VAL A 368 -0.68 -14.30 18.57
C VAL A 368 -0.66 -13.12 19.53
N LEU A 369 -1.56 -12.19 19.32
CA LEU A 369 -1.68 -10.99 20.15
C LEU A 369 -2.97 -11.15 20.93
N LEU A 370 -2.85 -11.47 22.21
CA LEU A 370 -3.99 -11.59 23.10
C LEU A 370 -4.23 -10.25 23.81
N TYR A 371 -5.45 -9.76 23.75
CA TYR A 371 -5.77 -8.42 24.23
C TYR A 371 -7.08 -8.44 25.01
N GLY A 372 -7.26 -7.39 25.82
CA GLY A 372 -8.47 -7.20 26.59
C GLY A 372 -8.32 -7.54 28.05
N HIS A 373 -7.18 -8.10 28.45
CA HIS A 373 -6.95 -8.56 29.80
C HIS A 373 -6.28 -7.48 30.61
N GLY A 374 -5.97 -7.81 31.88
CA GLY A 374 -5.47 -6.83 32.82
C GLY A 374 -4.11 -6.25 32.48
N LYS A 375 -3.39 -6.85 31.54
CA LYS A 375 -2.12 -6.28 31.10
C LYS A 375 -2.23 -5.78 29.65
N ASN A 376 -3.44 -5.44 29.23
CA ASN A 376 -3.76 -4.83 27.94
C ASN A 376 -3.59 -5.80 26.79
N ALA A 377 -2.34 -6.13 26.45
CA ALA A 377 -2.10 -6.92 25.24
C ALA A 377 -0.77 -7.64 25.36
N TYR A 378 -0.75 -8.90 24.88
CA TYR A 378 0.41 -9.78 25.00
C TYR A 378 0.63 -10.48 23.66
N TRP A 379 1.83 -10.36 23.11
CA TRP A 379 2.17 -10.98 21.83
C TRP A 379 3.16 -12.12 22.09
N TYR A 380 2.82 -13.32 21.62
CA TYR A 380 3.71 -14.47 21.79
C TYR A 380 3.93 -15.15 20.45
N GLY A 381 5.19 -15.38 20.09
CA GLY A 381 5.47 -16.12 18.87
C GLY A 381 6.91 -16.07 18.45
N SER A 382 7.12 -16.39 17.16
CA SER A 382 8.44 -16.63 16.58
C SER A 382 8.95 -15.43 15.78
N GLN A 383 10.25 -15.20 15.86
CA GLN A 383 10.94 -14.14 15.15
C GLN A 383 12.02 -14.70 14.23
N LEU A 384 11.72 -15.83 13.58
CA LEU A 384 12.70 -16.56 12.76
C LEU A 384 13.26 -15.73 11.60
N SER A 385 14.57 -15.61 11.54
CA SER A 385 15.26 -14.87 10.49
C SER A 385 15.70 -15.76 9.32
N ILE A 386 15.99 -15.12 8.19
CA ILE A 386 16.45 -15.87 7.03
C ILE A 386 17.84 -16.43 7.29
N GLU A 387 18.66 -15.71 8.07
CA GLU A 387 20.02 -16.19 8.33
C GLU A 387 19.99 -17.43 9.21
N GLU A 388 19.11 -17.46 10.21
CA GLU A 388 18.89 -18.66 11.01
C GLU A 388 18.37 -19.80 10.13
N THR A 389 17.35 -19.51 9.31
CA THR A 389 16.78 -20.53 8.43
C THR A 389 17.87 -21.23 7.60
N ARG A 390 18.72 -20.45 6.93
CA ARG A 390 19.73 -21.06 6.07
C ARG A 390 20.67 -21.96 6.86
N ARG A 391 20.83 -21.69 8.15
N ARG A 391 20.86 -21.68 8.15
CA ARG A 391 21.74 -22.47 8.99
CA ARG A 391 21.74 -22.48 8.97
C ARG A 391 21.18 -23.86 9.29
C ARG A 391 21.17 -23.86 9.28
N ILE A 392 19.86 -23.97 9.44
CA ILE A 392 19.26 -25.18 9.99
C ILE A 392 18.40 -25.94 9.01
N ALA A 393 18.15 -25.40 7.82
CA ALA A 393 17.24 -26.09 6.90
C ALA A 393 17.38 -25.60 5.46
N PRO A 394 17.51 -26.50 4.49
CA PRO A 394 17.71 -26.07 3.10
C PRO A 394 16.40 -25.88 2.33
N ASP A 395 16.55 -25.20 1.19
CA ASP A 395 15.51 -25.13 0.16
C ASP A 395 14.28 -24.33 0.60
N GLN A 396 14.44 -23.37 1.52
CA GLN A 396 13.28 -22.58 1.94
C GLN A 396 13.71 -21.29 2.59
N ASN A 397 12.77 -20.33 2.60
CA ASN A 397 12.94 -19.09 3.34
C ASN A 397 12.32 -19.23 4.74
N ALA A 398 12.31 -18.13 5.49
CA ALA A 398 11.84 -18.18 6.88
C ALA A 398 10.36 -18.44 6.98
N THR A 399 9.58 -17.93 6.03
CA THR A 399 8.16 -18.25 5.97
C THR A 399 7.96 -19.74 5.77
N GLY A 400 8.70 -20.33 4.83
CA GLY A 400 8.51 -21.73 4.52
C GLY A 400 8.85 -22.62 5.69
N LEU A 401 9.94 -22.28 6.41
CA LEU A 401 10.39 -23.15 7.48
C LEU A 401 9.45 -23.13 8.68
N GLN A 402 8.74 -22.01 8.95
CA GLN A 402 7.73 -22.04 10.01
C GLN A 402 6.58 -22.97 9.63
N VAL A 403 6.26 -23.05 8.35
CA VAL A 403 5.18 -23.92 7.90
C VAL A 403 5.66 -25.38 7.86
N SER A 404 6.84 -25.61 7.28
CA SER A 404 7.30 -26.97 7.05
C SER A 404 7.60 -27.67 8.38
N SER A 405 8.16 -26.96 9.36
CA SER A 405 8.41 -27.53 10.68
C SER A 405 7.12 -27.82 11.43
N ALA A 406 6.06 -27.07 11.16
CA ALA A 406 4.77 -27.37 11.73
C ALA A 406 4.20 -28.67 11.15
N VAL A 407 4.34 -28.87 9.85
CA VAL A 407 3.94 -30.14 9.25
C VAL A 407 4.73 -31.28 9.87
N LEU A 408 6.03 -31.07 10.07
CA LEU A 408 6.85 -32.10 10.73
C LEU A 408 6.29 -32.44 12.10
N ALA A 409 5.90 -31.42 12.88
CA ALA A 409 5.39 -31.65 14.22
C ALA A 409 4.05 -32.38 14.20
N GLY A 410 3.18 -32.02 13.25
CA GLY A 410 1.92 -32.74 13.14
C GLY A 410 2.11 -34.19 12.72
N MET A 411 3.12 -34.47 11.91
CA MET A 411 3.38 -35.83 11.46
C MET A 411 3.89 -36.70 12.60
N VAL A 412 4.76 -36.15 13.45
CA VAL A 412 5.22 -36.86 14.64
C VAL A 412 4.04 -37.18 15.54
N TRP A 413 3.20 -36.17 15.83
CA TRP A 413 2.05 -36.40 16.67
C TRP A 413 1.12 -37.46 16.10
N ALA A 414 0.90 -37.43 14.79
CA ALA A 414 0.00 -38.41 14.18
C ALA A 414 0.58 -39.83 14.28
N LEU A 415 1.90 -39.97 14.17
CA LEU A 415 2.51 -41.28 14.29
C LEU A 415 2.41 -41.82 15.71
N GLU A 416 2.48 -40.94 16.72
CA GLU A 416 2.30 -41.31 18.11
C GLU A 416 0.85 -41.38 18.52
N ASN A 417 -0.08 -40.91 17.70
CA ASN A 417 -1.51 -40.93 17.99
C ASN A 417 -2.23 -41.26 16.71
N PRO A 418 -2.07 -42.48 16.19
CA PRO A 418 -2.53 -42.81 14.83
C PRO A 418 -4.00 -43.14 14.70
N ASN A 419 -4.73 -43.23 15.81
CA ASN A 419 -6.15 -43.56 15.78
C ASN A 419 -6.99 -42.50 16.50
N ALA A 420 -6.67 -41.24 16.26
CA ALA A 420 -7.35 -40.13 16.93
C ALA A 420 -8.46 -39.51 16.08
N GLY A 421 -8.67 -39.99 14.87
CA GLY A 421 -9.72 -39.46 14.04
C GLY A 421 -9.28 -38.14 13.41
N ILE A 422 -10.27 -37.45 12.86
CA ILE A 422 -10.04 -36.13 12.25
C ILE A 422 -9.79 -35.12 13.36
N VAL A 423 -8.66 -34.42 13.30
CA VAL A 423 -8.25 -33.51 14.35
C VAL A 423 -7.78 -32.20 13.74
N GLU A 424 -8.02 -31.11 14.45
CA GLU A 424 -7.47 -29.80 14.14
C GLU A 424 -6.24 -29.53 14.98
N ALA A 425 -5.44 -28.54 14.55
CA ALA A 425 -4.27 -28.15 15.34
C ALA A 425 -4.64 -27.86 16.80
N ASP A 426 -5.86 -27.36 17.04
CA ASP A 426 -6.32 -27.08 18.40
C ASP A 426 -6.52 -28.35 19.19
N ASP A 427 -6.58 -29.50 18.53
CA ASP A 427 -6.80 -30.79 19.19
C ASP A 427 -5.52 -31.51 19.56
N LEU A 428 -4.37 -31.08 19.04
CA LEU A 428 -3.11 -31.78 19.28
C LEU A 428 -2.50 -31.37 20.63
N ASP A 429 -1.62 -32.26 21.13
N ASP A 429 -1.63 -32.25 21.14
CA ASP A 429 -0.83 -31.99 22.33
CA ASP A 429 -0.88 -31.97 22.35
C ASP A 429 0.13 -30.86 22.01
C ASP A 429 0.12 -30.87 22.04
N PHE A 430 -0.18 -29.63 22.48
CA PHE A 430 0.61 -28.49 22.04
C PHE A 430 2.04 -28.56 22.54
N ARG A 431 2.29 -29.17 23.71
CA ARG A 431 3.67 -29.18 24.20
C ARG A 431 4.53 -30.13 23.41
N ARG A 432 3.99 -31.28 23.01
CA ARG A 432 4.76 -32.20 22.17
C ARG A 432 5.03 -31.60 20.79
N CYS A 433 4.02 -30.96 20.20
CA CYS A 433 4.20 -30.35 18.88
C CYS A 433 5.24 -29.25 18.93
N LEU A 434 5.17 -28.39 19.95
CA LEU A 434 6.19 -27.35 20.09
C LEU A 434 7.56 -27.92 20.40
N GLU A 435 7.63 -29.05 21.12
CA GLU A 435 8.93 -29.66 21.35
C GLU A 435 9.58 -30.05 20.02
N VAL A 436 8.80 -30.54 19.07
CA VAL A 436 9.34 -30.93 17.77
C VAL A 436 9.72 -29.68 16.95
N GLN A 437 8.90 -28.65 17.02
CA GLN A 437 9.03 -27.54 16.08
C GLN A 437 10.05 -26.50 16.54
N THR A 438 10.17 -26.31 17.84
CA THR A 438 10.96 -25.19 18.37
C THR A 438 12.39 -25.08 17.85
N PRO A 439 13.11 -26.17 17.62
CA PRO A 439 14.45 -26.01 17.04
C PRO A 439 14.47 -25.26 15.71
N TYR A 440 13.31 -25.11 15.05
CA TYR A 440 13.23 -24.41 13.77
C TYR A 440 12.54 -23.05 13.83
N LEU A 441 12.31 -22.51 15.03
CA LEU A 441 11.52 -21.28 15.14
C LEU A 441 12.33 -20.07 15.50
N GLY A 442 13.64 -20.20 15.71
CA GLY A 442 14.43 -19.07 16.16
C GLY A 442 13.92 -18.56 17.49
N PRO A 443 14.19 -17.28 17.80
CA PRO A 443 13.67 -16.71 19.05
C PRO A 443 12.16 -16.84 19.13
N VAL A 444 11.69 -17.42 20.23
CA VAL A 444 10.27 -17.48 20.55
C VAL A 444 10.07 -16.72 21.84
N VAL A 445 9.32 -15.61 21.78
CA VAL A 445 9.25 -14.68 22.90
C VAL A 445 7.82 -14.19 23.12
N GLY A 446 7.54 -13.81 24.37
CA GLY A 446 6.30 -13.13 24.73
C GLY A 446 6.64 -11.72 25.18
N VAL A 447 5.84 -10.75 24.72
CA VAL A 447 6.08 -9.32 24.94
C VAL A 447 4.76 -8.64 25.25
N TYR A 448 4.72 -7.83 26.29
CA TYR A 448 3.56 -7.03 26.63
C TYR A 448 3.66 -5.67 25.95
N THR A 449 2.51 -5.04 25.72
CA THR A 449 2.51 -3.70 25.17
C THR A 449 1.32 -2.94 25.72
N ASP A 450 1.50 -1.62 25.84
N ASP A 450 1.49 -1.62 25.83
CA ASP A 450 0.40 -0.73 26.20
CA ASP A 450 0.41 -0.72 26.19
C ASP A 450 -0.34 -0.18 24.97
C ASP A 450 -0.31 -0.16 24.98
N TRP A 451 0.15 -0.47 23.76
CA TRP A 451 -0.53 0.01 22.56
C TRP A 451 -1.98 -0.47 22.54
N THR A 452 -2.87 0.38 22.04
CA THR A 452 -4.24 -0.01 21.76
C THR A 452 -4.66 0.60 20.43
N PRO A 453 -5.70 0.06 19.80
CA PRO A 453 -6.19 0.65 18.54
C PRO A 453 -6.61 2.11 18.65
N LEU A 454 -6.81 2.64 19.87
CA LEU A 454 -7.14 4.06 19.99
C LEU A 454 -5.91 4.94 20.23
N ALA A 455 -4.71 4.37 20.15
CA ALA A 455 -3.51 5.19 20.24
C ALA A 455 -3.59 6.35 19.24
N GLY A 456 -3.41 7.57 19.75
CA GLY A 456 -3.41 8.75 18.92
C GLY A 456 -4.74 9.18 18.36
N ARG A 457 -5.86 8.65 18.86
CA ARG A 457 -7.16 8.90 18.29
C ARG A 457 -8.13 9.32 19.40
N PRO A 458 -9.09 10.19 19.09
CA PRO A 458 -9.30 10.87 17.78
C PRO A 458 -8.19 11.85 17.44
N GLY A 459 -7.93 11.99 16.15
CA GLY A 459 -6.96 12.96 15.67
C GLY A 459 -7.62 14.14 15.01
N LEU A 460 -7.06 14.60 13.88
CA LEU A 460 -7.57 15.82 13.25
C LEU A 460 -8.95 15.62 12.65
N PHE A 461 -9.25 14.41 12.18
CA PHE A 461 -10.53 14.21 11.52
C PHE A 461 -11.49 13.45 12.44
N PRO A 462 -12.79 13.71 12.33
CA PRO A 462 -13.76 12.92 13.10
C PRO A 462 -13.75 11.47 12.64
N GLU A 463 -13.85 10.56 13.62
CA GLU A 463 -13.91 9.13 13.36
C GLU A 463 -15.04 8.52 14.18
N ASP A 464 -15.58 7.42 13.67
CA ASP A 464 -16.68 6.72 14.35
C ASP A 464 -16.11 5.62 15.26
N ILE A 465 -15.49 6.06 16.34
CA ILE A 465 -14.82 5.16 17.26
C ILE A 465 -15.68 4.94 18.50
N ASP A 466 -15.34 3.88 19.25
CA ASP A 466 -16.00 3.56 20.54
C ASP A 466 -14.96 3.81 21.62
N THR A 467 -15.10 4.92 22.35
CA THR A 467 -14.09 5.27 23.35
C THR A 467 -14.25 4.51 24.65
N SER A 468 -15.35 3.78 24.84
CA SER A 468 -15.53 3.03 26.09
C SER A 468 -14.67 1.78 26.16
N ASP A 469 -14.17 1.28 25.03
CA ASP A 469 -13.42 0.04 25.00
C ASP A 469 -12.46 0.03 23.82
N PRO A 470 -11.16 0.19 24.06
CA PRO A 470 -10.23 0.40 22.93
C PRO A 470 -10.18 -0.74 21.93
N TRP A 471 -10.44 -1.97 22.34
CA TRP A 471 -10.17 -3.11 21.46
C TRP A 471 -11.38 -3.52 20.65
N GLN A 472 -12.48 -2.78 20.74
CA GLN A 472 -13.63 -3.03 19.89
C GLN A 472 -13.24 -3.08 18.41
N PHE A 473 -13.85 -4.02 17.67
CA PHE A 473 -13.60 -4.10 16.24
C PHE A 473 -13.94 -2.80 15.53
N ARG A 474 -14.90 -2.05 16.08
CA ARG A 474 -15.17 -0.71 15.59
C ARG A 474 -13.90 0.14 15.48
N ASN A 475 -13.02 -0.01 16.44
CA ASN A 475 -11.78 0.76 16.46
C ASN A 475 -10.65 0.10 15.67
N VAL A 476 -10.68 -1.21 15.51
CA VAL A 476 -9.58 -1.90 14.83
C VAL A 476 -9.69 -1.76 13.33
N LEU A 477 -10.88 -1.93 12.80
CA LEU A 477 -11.10 -1.90 11.37
C LEU A 477 -10.85 -0.52 10.77
N VAL A 478 -10.05 -0.48 9.70
CA VAL A 478 -9.79 0.76 8.99
C VAL A 478 -10.94 0.99 8.01
N ARG A 479 -11.69 2.05 8.21
CA ARG A 479 -12.95 2.27 7.51
C ARG A 479 -12.71 3.43 6.56
N ASP A 480 -12.25 3.10 5.35
CA ASP A 480 -11.94 4.09 4.33
C ASP A 480 -13.13 4.34 3.40
N THR B 5 23.72 24.61 -31.40
CA THR B 5 23.94 23.31 -30.77
C THR B 5 24.10 23.43 -29.25
N ASP B 6 24.42 24.63 -28.77
CA ASP B 6 24.59 24.88 -27.35
C ASP B 6 23.30 25.43 -26.74
N TRP B 7 23.28 25.47 -25.40
CA TRP B 7 22.07 25.83 -24.68
C TRP B 7 21.65 27.27 -24.98
N PRO B 8 20.37 27.53 -25.17
CA PRO B 8 19.93 28.91 -25.39
C PRO B 8 20.00 29.76 -24.14
N VAL B 9 20.47 31.01 -24.31
CA VAL B 9 20.45 32.00 -23.25
C VAL B 9 19.27 32.93 -23.51
N TYR B 10 18.27 32.91 -22.64
CA TYR B 10 17.01 33.54 -22.97
C TYR B 10 16.97 35.02 -22.61
N HIS B 11 17.77 35.46 -21.65
CA HIS B 11 17.56 36.79 -21.13
C HIS B 11 18.71 37.14 -20.18
N ARG B 12 18.93 38.44 -20.03
CA ARG B 12 19.81 38.95 -19.00
C ARG B 12 18.98 39.30 -17.77
N ILE B 13 19.48 38.93 -16.60
CA ILE B 13 18.93 39.38 -15.33
C ILE B 13 19.85 40.48 -14.82
N ASP B 14 19.30 41.68 -14.66
CA ASP B 14 20.12 42.85 -14.38
C ASP B 14 20.23 43.18 -12.90
N GLY B 15 19.74 42.29 -12.04
CA GLY B 15 19.78 42.54 -10.62
C GLY B 15 20.04 41.26 -9.84
N PRO B 16 19.93 41.33 -8.51
CA PRO B 16 20.23 40.15 -7.70
C PRO B 16 19.23 39.03 -7.94
N ILE B 17 19.72 37.80 -7.85
CA ILE B 17 18.91 36.60 -7.86
C ILE B 17 19.01 36.01 -6.46
N VAL B 18 17.89 35.99 -5.75
CA VAL B 18 17.83 35.47 -4.38
C VAL B 18 17.02 34.16 -4.43
N MET B 19 17.68 33.04 -4.23
CA MET B 19 17.03 31.74 -4.17
CA MET B 19 17.01 31.75 -4.17
C MET B 19 16.78 31.40 -2.71
N ILE B 20 15.51 31.27 -2.33
CA ILE B 20 15.09 30.90 -0.98
C ILE B 20 14.86 29.40 -1.01
N GLY B 21 15.68 28.66 -0.30
CA GLY B 21 15.54 27.21 -0.30
C GLY B 21 16.51 26.51 -1.24
N PHE B 22 17.22 25.52 -0.74
CA PHE B 22 18.18 24.78 -1.56
C PHE B 22 18.06 23.30 -1.26
N GLY B 23 16.84 22.80 -1.32
CA GLY B 23 16.57 21.37 -1.24
C GLY B 23 16.57 20.76 -2.62
N SER B 24 15.80 19.70 -2.80
CA SER B 24 15.86 18.96 -4.06
C SER B 24 15.50 19.86 -5.25
N ILE B 25 14.50 20.74 -5.12
CA ILE B 25 14.15 21.55 -6.29
C ILE B 25 15.17 22.66 -6.50
N GLY B 26 15.55 23.36 -5.42
CA GLY B 26 16.53 24.42 -5.55
C GLY B 26 17.84 23.93 -6.14
N ARG B 27 18.30 22.74 -5.71
CA ARG B 27 19.52 22.18 -6.27
C ARG B 27 19.38 21.87 -7.78
N GLY B 28 18.18 21.51 -8.24
CA GLY B 28 17.99 21.26 -9.67
C GLY B 28 17.79 22.53 -10.48
N THR B 29 17.29 23.59 -9.86
CA THR B 29 16.98 24.83 -10.53
C THR B 29 18.22 25.70 -10.70
N LEU B 30 19.11 25.72 -9.72
CA LEU B 30 20.31 26.55 -9.81
C LEU B 30 21.13 26.30 -11.07
N PRO B 31 21.42 25.06 -11.48
CA PRO B 31 22.18 24.89 -12.73
C PRO B 31 21.42 25.34 -13.97
N LEU B 32 20.09 25.31 -13.95
CA LEU B 32 19.34 25.81 -15.09
C LEU B 32 19.33 27.33 -15.15
N ILE B 33 19.28 27.98 -13.99
CA ILE B 33 19.38 29.44 -13.93
C ILE B 33 20.73 29.89 -14.45
N GLU B 34 21.80 29.21 -14.01
CA GLU B 34 23.15 29.57 -14.45
C GLU B 34 23.32 29.36 -15.94
N ARG B 35 22.69 28.31 -16.46
CA ARG B 35 22.82 27.92 -17.86
C ARG B 35 22.08 28.83 -18.80
N HIS B 36 20.89 29.31 -18.43
CA HIS B 36 19.98 29.92 -19.41
C HIS B 36 19.84 31.42 -19.26
N PHE B 37 20.43 32.03 -18.24
CA PHE B 37 20.33 33.48 -18.09
C PHE B 37 21.72 34.07 -17.93
N ALA B 38 21.90 35.29 -18.42
CA ALA B 38 23.16 36.01 -18.31
C ALA B 38 23.10 36.93 -17.11
N PHE B 39 24.14 36.88 -16.28
CA PHE B 39 24.25 37.70 -15.09
C PHE B 39 25.64 37.49 -14.50
N ASP B 40 26.10 38.48 -13.75
CA ASP B 40 27.33 38.33 -12.98
C ASP B 40 27.09 37.31 -11.87
N ARG B 41 27.94 36.28 -11.81
CA ARG B 41 27.71 35.17 -10.91
C ARG B 41 27.53 35.63 -9.47
N SER B 42 28.24 36.68 -9.06
CA SER B 42 28.14 37.17 -7.69
C SER B 42 26.81 37.82 -7.39
N LYS B 43 25.92 37.96 -8.39
CA LYS B 43 24.58 38.50 -8.10
C LYS B 43 23.64 37.47 -7.48
N LEU B 44 23.97 36.19 -7.55
CA LEU B 44 23.10 35.13 -7.07
C LEU B 44 23.48 34.73 -5.65
N VAL B 45 22.49 34.58 -4.80
CA VAL B 45 22.71 34.14 -3.42
C VAL B 45 21.59 33.20 -2.99
N VAL B 46 21.96 32.13 -2.30
CA VAL B 46 21.03 31.11 -1.83
C VAL B 46 20.85 31.25 -0.33
N ILE B 47 19.61 31.15 0.15
CA ILE B 47 19.30 31.24 1.56
C ILE B 47 18.61 29.95 1.98
N ASP B 48 19.17 29.27 3.00
CA ASP B 48 18.62 28.01 3.48
C ASP B 48 19.27 27.70 4.82
N PRO B 49 18.51 27.23 5.82
CA PRO B 49 19.08 27.02 7.15
C PRO B 49 19.90 25.74 7.29
N SER B 50 19.97 24.89 6.28
CA SER B 50 20.49 23.53 6.43
C SER B 50 22.00 23.46 6.23
N ASP B 51 22.69 22.76 7.14
CA ASP B 51 24.11 22.46 6.95
C ASP B 51 24.36 21.65 5.69
N GLU B 52 23.50 20.66 5.41
CA GLU B 52 23.65 19.85 4.22
C GLU B 52 23.58 20.72 2.97
N ALA B 53 22.62 21.66 2.95
CA ALA B 53 22.51 22.58 1.83
C ALA B 53 23.75 23.46 1.72
N ARG B 54 24.26 23.96 2.85
CA ARG B 54 25.42 24.84 2.82
C ARG B 54 26.63 24.16 2.21
N LYS B 55 26.90 22.93 2.57
CA LYS B 55 28.08 22.25 2.04
C LYS B 55 27.98 22.03 0.55
N LEU B 56 26.78 21.70 0.05
CA LEU B 56 26.61 21.53 -1.39
C LEU B 56 26.78 22.87 -2.12
N ALA B 57 26.23 23.94 -1.56
CA ALA B 57 26.39 25.26 -2.19
C ALA B 57 27.86 25.67 -2.22
N GLU B 58 28.58 25.44 -1.13
CA GLU B 58 30.02 25.68 -1.13
C GLU B 58 30.69 24.91 -2.27
N ALA B 59 30.30 23.65 -2.47
CA ALA B 59 30.93 22.83 -3.50
C ALA B 59 30.60 23.32 -4.91
N ARG B 60 29.45 23.96 -5.07
CA ARG B 60 29.07 24.54 -6.35
C ARG B 60 29.56 25.97 -6.52
N GLY B 61 30.21 26.53 -5.51
CA GLY B 61 30.78 27.86 -5.61
C GLY B 61 29.80 29.02 -5.64
N VAL B 62 28.67 28.91 -4.95
CA VAL B 62 27.70 30.00 -4.93
C VAL B 62 27.62 30.58 -3.54
N ARG B 63 27.26 31.86 -3.48
CA ARG B 63 27.04 32.53 -2.20
C ARG B 63 25.87 31.90 -1.47
N PHE B 64 26.01 31.75 -0.16
CA PHE B 64 25.07 31.02 0.65
C PHE B 64 24.97 31.68 2.00
N ILE B 65 23.74 31.96 2.41
CA ILE B 65 23.42 32.50 3.71
C ILE B 65 22.62 31.45 4.47
N GLN B 66 23.18 30.97 5.56
CA GLN B 66 22.59 29.88 6.33
C GLN B 66 21.62 30.45 7.34
N GLN B 67 20.39 30.66 6.90
CA GLN B 67 19.39 31.29 7.75
C GLN B 67 18.01 30.84 7.32
N ALA B 68 17.14 30.66 8.30
CA ALA B 68 15.74 30.41 8.03
C ALA B 68 15.01 31.74 7.86
N VAL B 69 14.27 31.86 6.76
CA VAL B 69 13.44 33.04 6.53
C VAL B 69 12.16 32.89 7.34
N THR B 70 11.87 33.87 8.20
CA THR B 70 10.72 33.80 9.09
C THR B 70 9.93 35.11 9.02
N ARG B 71 8.75 35.08 9.63
CA ARG B 71 7.92 36.29 9.70
C ARG B 71 8.66 37.41 10.39
N ASP B 72 9.54 37.08 11.34
CA ASP B 72 10.23 38.10 12.11
C ASP B 72 11.42 38.70 11.39
N ASN B 73 12.04 38.01 10.42
CA ASN B 73 13.23 38.54 9.79
C ASN B 73 13.12 38.79 8.29
N TYR B 74 12.02 38.41 7.65
CA TYR B 74 12.06 38.36 6.18
C TYR B 74 12.18 39.76 5.58
N ARG B 75 11.64 40.78 6.25
CA ARG B 75 11.79 42.14 5.75
C ARG B 75 13.21 42.62 5.89
N GLU B 76 13.81 42.39 7.08
CA GLU B 76 15.21 42.78 7.29
C GLU B 76 16.14 42.12 6.29
N LEU B 77 15.83 40.87 5.93
CA LEU B 77 16.73 40.05 5.11
C LEU B 77 16.52 40.27 3.63
N LEU B 78 15.26 40.20 3.17
CA LEU B 78 15.04 40.11 1.72
C LEU B 78 15.03 41.47 1.05
N VAL B 79 14.63 42.52 1.76
CA VAL B 79 14.54 43.83 1.10
C VAL B 79 15.92 44.30 0.69
N PRO B 80 16.91 44.33 1.59
CA PRO B 80 18.27 44.70 1.15
C PRO B 80 18.80 43.81 0.04
N LEU B 81 18.54 42.50 0.12
CA LEU B 81 19.10 41.60 -0.87
C LEU B 81 18.45 41.80 -2.24
N LEU B 82 17.15 42.02 -2.28
CA LEU B 82 16.45 42.11 -3.55
C LEU B 82 16.61 43.48 -4.22
N THR B 83 16.99 44.51 -3.47
CA THR B 83 17.10 45.85 -4.02
C THR B 83 18.54 46.30 -4.23
N ALA B 84 19.50 45.38 -4.19
CA ALA B 84 20.91 45.75 -4.30
C ALA B 84 21.25 46.35 -5.66
N GLY B 85 20.43 46.09 -6.70
CA GLY B 85 20.62 46.74 -7.97
C GLY B 85 21.58 46.01 -8.89
N PRO B 86 21.95 46.66 -10.00
CA PRO B 86 21.51 48.00 -10.38
C PRO B 86 20.09 48.02 -10.94
N GLY B 87 19.65 46.86 -11.40
CA GLY B 87 18.33 46.74 -11.99
C GLY B 87 17.44 45.79 -11.24
N GLN B 88 16.44 45.27 -11.96
CA GLN B 88 15.39 44.50 -11.32
C GLN B 88 15.91 43.11 -10.95
N GLY B 89 15.65 42.71 -9.70
CA GLY B 89 16.05 41.41 -9.22
C GLY B 89 14.96 40.36 -9.38
N PHE B 90 15.31 39.12 -9.02
CA PHE B 90 14.38 37.99 -9.14
C PHE B 90 14.46 37.16 -7.87
N CYS B 91 13.35 37.07 -7.16
CA CYS B 91 13.21 36.19 -6.00
C CYS B 91 12.65 34.84 -6.43
N VAL B 92 13.43 33.79 -6.23
CA VAL B 92 13.07 32.43 -6.65
C VAL B 92 12.83 31.65 -5.36
N ASN B 93 11.56 31.45 -5.01
CA ASN B 93 11.21 30.85 -3.72
C ASN B 93 10.90 29.38 -3.93
N LEU B 94 11.75 28.51 -3.41
CA LEU B 94 11.72 27.07 -3.54
C LEU B 94 11.84 26.41 -2.17
N SER B 95 11.18 26.98 -1.17
CA SER B 95 11.38 26.57 0.20
C SER B 95 10.15 25.88 0.75
N VAL B 96 10.30 25.31 1.96
CA VAL B 96 9.17 24.98 2.81
C VAL B 96 9.18 25.95 3.97
N ASP B 97 8.06 25.99 4.68
CA ASP B 97 7.90 26.67 5.97
C ASP B 97 7.88 28.20 5.87
N THR B 98 7.74 28.76 4.68
CA THR B 98 7.68 30.20 4.47
C THR B 98 6.38 30.61 3.81
N SER B 99 5.98 31.86 4.07
CA SER B 99 4.72 32.38 3.51
C SER B 99 4.95 32.84 2.08
N SER B 100 4.40 32.11 1.12
CA SER B 100 4.47 32.49 -0.27
C SER B 100 3.89 33.87 -0.47
N LEU B 101 2.73 34.13 0.10
CA LEU B 101 2.04 35.40 -0.11
C LEU B 101 2.83 36.58 0.46
N ASP B 102 3.32 36.44 1.70
CA ASP B 102 4.05 37.56 2.31
C ASP B 102 5.35 37.86 1.55
N ILE B 103 6.07 36.82 1.10
CA ILE B 103 7.30 37.09 0.37
C ILE B 103 6.98 37.64 -1.01
N MET B 104 5.93 37.12 -1.64
CA MET B 104 5.49 37.63 -2.95
C MET B 104 5.15 39.11 -2.87
N GLU B 105 4.40 39.51 -1.86
CA GLU B 105 4.01 40.92 -1.74
C GLU B 105 5.21 41.80 -1.44
N LEU B 106 6.18 41.29 -0.68
N LEU B 106 6.18 41.29 -0.68
CA LEU B 106 7.41 42.04 -0.43
CA LEU B 106 7.41 42.05 -0.43
C LEU B 106 8.20 42.24 -1.72
C LEU B 106 8.22 42.24 -1.71
N ALA B 107 8.34 41.19 -2.53
CA ALA B 107 9.07 41.33 -3.79
C ALA B 107 8.40 42.36 -4.69
N ARG B 108 7.07 42.28 -4.80
CA ARG B 108 6.34 43.23 -5.64
C ARG B 108 6.47 44.66 -5.11
N GLU B 109 6.35 44.85 -3.79
CA GLU B 109 6.50 46.19 -3.22
C GLU B 109 7.82 46.82 -3.61
N ASN B 110 8.86 46.02 -3.81
CA ASN B 110 10.19 46.50 -4.09
C ASN B 110 10.62 46.32 -5.53
N GLY B 111 9.69 46.01 -6.43
CA GLY B 111 9.98 45.94 -7.84
C GLY B 111 10.74 44.72 -8.30
N ALA B 112 10.82 43.67 -7.50
CA ALA B 112 11.50 42.44 -7.90
C ALA B 112 10.50 41.42 -8.42
N LEU B 113 10.89 40.71 -9.48
CA LEU B 113 10.11 39.59 -9.98
C LEU B 113 10.15 38.44 -8.98
N TYR B 114 9.15 37.57 -9.05
CA TYR B 114 8.99 36.52 -8.06
C TYR B 114 8.42 35.26 -8.71
N ILE B 115 8.83 34.12 -8.20
CA ILE B 115 8.24 32.87 -8.63
C ILE B 115 8.30 31.88 -7.46
N ASP B 116 7.26 31.05 -7.35
CA ASP B 116 7.27 29.95 -6.39
C ASP B 116 6.50 28.79 -6.99
N THR B 117 6.49 27.68 -6.27
CA THR B 117 5.86 26.45 -6.75
C THR B 117 4.70 25.98 -5.88
N VAL B 118 4.35 26.72 -4.83
CA VAL B 118 3.28 26.31 -3.92
C VAL B 118 2.85 27.54 -3.12
N VAL B 119 1.64 27.49 -2.60
CA VAL B 119 1.17 28.51 -1.67
C VAL B 119 1.20 27.85 -0.29
N GLU B 120 2.05 28.37 0.60
N GLU B 120 2.08 28.36 0.58
CA GLU B 120 2.21 27.79 1.92
CA GLU B 120 2.28 27.84 1.91
C GLU B 120 2.25 28.93 2.94
C GLU B 120 2.17 28.98 2.92
N PRO B 121 1.82 28.68 4.17
CA PRO B 121 1.92 29.69 5.23
C PRO B 121 3.26 29.62 5.96
N TRP B 122 3.49 30.62 6.80
CA TRP B 122 4.61 30.58 7.73
C TRP B 122 4.48 29.39 8.67
N LEU B 123 5.58 28.68 8.87
CA LEU B 123 5.66 27.60 9.87
C LEU B 123 4.95 27.98 11.17
N GLU B 134 -10.81 24.29 6.46
CA GLU B 134 -11.36 25.43 5.75
C GLU B 134 -10.28 26.48 5.42
N ALA B 135 -9.70 27.08 6.47
CA ALA B 135 -8.81 28.22 6.31
C ALA B 135 -7.34 27.84 6.13
N ARG B 136 -6.99 26.57 6.36
CA ARG B 136 -5.66 26.07 6.02
C ARG B 136 -5.65 25.28 4.72
N SER B 137 -6.81 25.18 4.06
CA SER B 137 -6.90 24.44 2.81
C SER B 137 -6.14 25.15 1.70
N PHE B 138 -5.79 24.38 0.67
CA PHE B 138 -5.18 24.96 -0.52
C PHE B 138 -6.19 25.84 -1.26
N TYR B 139 -7.49 25.51 -1.19
CA TYR B 139 -8.51 26.43 -1.69
C TYR B 139 -8.36 27.81 -1.07
N ALA B 140 -8.27 27.88 0.25
CA ALA B 140 -8.26 29.17 0.93
C ALA B 140 -6.94 29.88 0.76
N LEU B 141 -5.82 29.14 0.77
CA LEU B 141 -4.53 29.74 0.47
C LEU B 141 -4.54 30.34 -0.93
N ARG B 142 -5.12 29.65 -1.89
CA ARG B 142 -5.23 30.21 -3.22
C ARG B 142 -6.10 31.46 -3.22
N GLU B 143 -7.18 31.46 -2.44
CA GLU B 143 -8.03 32.64 -2.37
C GLU B 143 -7.28 33.88 -1.85
N THR B 144 -6.28 33.71 -0.99
CA THR B 144 -5.52 34.88 -0.51
C THR B 144 -4.70 35.50 -1.64
N VAL B 145 -4.22 34.69 -2.59
CA VAL B 145 -3.48 35.21 -3.73
C VAL B 145 -4.43 35.93 -4.69
N LEU B 146 -5.60 35.34 -4.94
CA LEU B 146 -6.59 36.01 -5.78
C LEU B 146 -7.00 37.35 -5.17
N ALA B 147 -7.15 37.39 -3.86
CA ALA B 147 -7.53 38.63 -3.17
C ALA B 147 -6.42 39.67 -3.26
N ALA B 148 -5.16 39.24 -3.14
CA ALA B 148 -4.05 40.18 -3.33
C ALA B 148 -4.05 40.77 -4.73
N ARG B 149 -4.37 39.96 -5.73
CA ARG B 149 -4.44 40.44 -7.10
C ARG B 149 -5.57 41.45 -7.28
N ARG B 150 -6.72 41.22 -6.65
CA ARG B 150 -7.81 42.19 -6.74
C ARG B 150 -7.44 43.50 -6.04
N ASN B 151 -6.75 43.41 -4.91
N ASN B 151 -6.75 43.41 -4.90
CA ASN B 151 -6.42 44.64 -4.17
CA ASN B 151 -6.40 44.61 -4.15
C ASN B 151 -5.34 45.46 -4.85
C ASN B 151 -5.38 45.45 -4.90
N LYS B 152 -4.45 44.81 -5.59
CA LYS B 152 -3.38 45.51 -6.32
C LYS B 152 -3.22 44.94 -7.72
N PRO B 153 -4.07 45.36 -8.65
CA PRO B 153 -3.92 44.89 -10.03
C PRO B 153 -2.68 45.49 -10.67
N GLY B 154 -2.23 44.84 -11.72
CA GLY B 154 -1.02 45.34 -12.36
C GLY B 154 0.18 45.18 -11.44
N GLY B 155 1.23 45.94 -11.74
CA GLY B 155 2.45 45.88 -10.97
C GLY B 155 3.43 44.83 -11.50
N THR B 156 4.52 44.68 -10.77
CA THR B 156 5.57 43.75 -11.15
C THR B 156 5.04 42.33 -11.18
N THR B 157 5.52 41.54 -12.14
CA THR B 157 5.04 40.19 -12.32
C THR B 157 5.45 39.31 -11.16
N ALA B 158 4.49 38.55 -10.60
CA ALA B 158 4.74 37.54 -9.60
C ALA B 158 4.02 36.26 -10.04
N VAL B 159 4.76 35.19 -10.25
CA VAL B 159 4.21 33.93 -10.76
C VAL B 159 3.98 33.01 -9.58
N SER B 160 2.73 32.62 -9.36
CA SER B 160 2.35 31.74 -8.25
C SER B 160 2.15 30.31 -8.76
N CYS B 161 2.72 29.35 -8.03
CA CYS B 161 2.51 27.93 -8.26
C CYS B 161 2.89 27.51 -9.67
N CYS B 162 4.16 27.67 -9.98
CA CYS B 162 4.69 27.33 -11.29
C CYS B 162 5.80 26.31 -11.15
N GLY B 163 5.42 25.09 -10.75
CA GLY B 163 6.34 23.95 -10.82
C GLY B 163 5.83 22.95 -11.83
N ALA B 164 6.02 21.66 -11.59
CA ALA B 164 5.49 20.65 -12.50
C ALA B 164 3.97 20.46 -12.31
N ASN B 165 3.53 20.40 -11.07
CA ASN B 165 2.12 20.30 -10.77
C ASN B 165 1.95 20.76 -9.33
N PRO B 166 1.37 21.94 -9.10
CA PRO B 166 0.82 22.88 -10.09
C PRO B 166 1.92 23.50 -10.96
N GLY B 167 1.52 23.94 -12.15
CA GLY B 167 2.38 24.67 -13.05
C GLY B 167 2.24 24.12 -14.46
N MET B 168 3.21 23.27 -14.83
CA MET B 168 3.28 22.67 -16.17
C MET B 168 1.98 22.01 -16.58
N VAL B 169 1.28 21.39 -15.61
CA VAL B 169 0.09 20.64 -15.98
C VAL B 169 -1.00 21.57 -16.49
N SER B 170 -1.01 22.85 -16.07
CA SER B 170 -1.93 23.80 -16.68
C SER B 170 -1.66 23.98 -18.18
N TRP B 171 -0.38 24.02 -18.58
CA TRP B 171 -0.05 24.10 -19.99
C TRP B 171 -0.46 22.83 -20.73
N PHE B 172 -0.25 21.65 -20.10
CA PHE B 172 -0.68 20.41 -20.73
C PHE B 172 -2.16 20.39 -20.97
N VAL B 173 -2.95 20.96 -20.05
CA VAL B 173 -4.41 20.94 -20.21
C VAL B 173 -4.79 21.71 -21.47
N LYS B 174 -4.18 22.90 -21.65
CA LYS B 174 -4.42 23.69 -22.86
C LYS B 174 -3.99 22.94 -24.11
N GLN B 175 -2.80 22.35 -24.11
CA GLN B 175 -2.35 21.64 -25.29
C GLN B 175 -3.22 20.43 -25.56
N ALA B 176 -3.74 19.78 -24.52
CA ALA B 176 -4.62 18.63 -24.68
C ALA B 176 -5.97 19.02 -25.24
N LEU B 177 -6.53 20.14 -24.81
CA LEU B 177 -7.80 20.61 -25.38
C LEU B 177 -7.64 20.89 -26.87
N VAL B 178 -6.54 21.54 -27.26
CA VAL B 178 -6.33 21.81 -28.68
C VAL B 178 -6.14 20.53 -29.46
N ASN B 179 -5.45 19.54 -28.88
CA ASN B 179 -5.22 18.27 -29.57
C ASN B 179 -6.51 17.47 -29.73
N LEU B 180 -7.36 17.45 -28.70
CA LEU B 180 -8.66 16.79 -28.78
C LEU B 180 -9.49 17.38 -29.91
N ALA B 181 -9.57 18.71 -29.97
CA ALA B 181 -10.28 19.36 -31.06
C ALA B 181 -9.71 18.96 -32.42
N ALA B 182 -8.37 19.03 -32.56
CA ALA B 182 -7.78 18.68 -33.84
C ALA B 182 -8.04 17.24 -34.21
N ASP B 183 -7.98 16.32 -33.23
CA ASP B 183 -8.18 14.91 -33.50
C ASP B 183 -9.62 14.61 -33.89
N LEU B 184 -10.55 15.51 -33.59
CA LEU B 184 -11.93 15.40 -34.03
C LEU B 184 -12.17 16.04 -35.39
N GLY B 185 -11.15 16.66 -35.98
CA GLY B 185 -11.30 17.39 -37.23
C GLY B 185 -11.72 18.83 -37.07
N VAL B 186 -11.80 19.33 -35.84
CA VAL B 186 -12.09 20.74 -35.61
C VAL B 186 -10.81 21.54 -35.82
N THR B 187 -10.83 22.43 -36.80
CA THR B 187 -9.69 23.29 -37.13
C THR B 187 -9.98 24.72 -36.68
N GLY B 188 -8.92 25.53 -36.67
CA GLY B 188 -9.06 26.92 -36.30
C GLY B 188 -9.50 27.16 -34.88
N GLU B 189 -9.33 26.16 -34.00
CA GLU B 189 -9.72 26.29 -32.60
C GLU B 189 -8.49 26.77 -31.82
N GLU B 190 -8.36 28.09 -31.67
CA GLU B 190 -7.26 28.69 -30.93
C GLU B 190 -7.84 29.69 -29.94
N PRO B 191 -8.24 29.24 -28.75
CA PRO B 191 -8.74 30.19 -27.75
C PRO B 191 -7.65 31.16 -27.32
N THR B 192 -8.07 32.39 -27.04
CA THR B 192 -7.18 33.42 -26.52
C THR B 192 -7.58 33.93 -25.12
N THR B 193 -8.85 33.87 -24.78
CA THR B 193 -9.34 34.35 -23.49
C THR B 193 -9.71 33.17 -22.60
N ARG B 194 -9.76 33.44 -21.30
CA ARG B 194 -10.15 32.41 -20.33
C ARG B 194 -11.53 31.85 -20.71
N GLU B 195 -12.48 32.72 -21.06
CA GLU B 195 -13.83 32.24 -21.34
C GLU B 195 -13.81 31.32 -22.57
N GLU B 196 -12.97 31.62 -23.56
CA GLU B 196 -12.88 30.77 -24.74
C GLU B 196 -12.28 29.40 -24.40
N TRP B 197 -11.31 29.36 -23.47
CA TRP B 197 -10.76 28.05 -23.08
C TRP B 197 -11.82 27.23 -22.35
N ALA B 198 -12.57 27.87 -21.45
CA ALA B 198 -13.61 27.16 -20.71
C ALA B 198 -14.68 26.61 -21.67
N ARG B 199 -15.07 27.41 -22.65
CA ARG B 199 -16.08 26.99 -23.59
C ARG B 199 -15.59 25.86 -24.48
N LEU B 200 -14.29 25.85 -24.83
CA LEU B 200 -13.73 24.73 -25.57
C LEU B 200 -13.85 23.43 -24.77
N ALA B 201 -13.49 23.44 -23.49
CA ALA B 201 -13.66 22.27 -22.65
C ALA B 201 -15.12 21.85 -22.61
N MET B 202 -16.04 22.82 -22.44
CA MET B 202 -17.48 22.55 -22.39
C MET B 202 -17.97 21.98 -23.72
N ASP B 203 -17.54 22.58 -24.82
CA ASP B 203 -18.03 22.19 -26.13
C ASP B 203 -17.50 20.81 -26.54
N LEU B 204 -16.28 20.47 -26.17
CA LEU B 204 -15.77 19.12 -26.37
C LEU B 204 -16.37 18.10 -25.39
N GLY B 205 -17.07 18.55 -24.38
CA GLY B 205 -17.68 17.62 -23.44
C GLY B 205 -16.72 16.98 -22.48
N VAL B 206 -15.67 17.70 -22.06
CA VAL B 206 -14.77 17.22 -21.02
C VAL B 206 -15.50 17.28 -19.68
N LYS B 207 -15.76 16.12 -19.08
CA LYS B 207 -16.41 16.09 -17.77
C LYS B 207 -15.43 16.36 -16.64
N GLY B 208 -14.18 15.94 -16.81
CA GLY B 208 -13.19 16.02 -15.74
C GLY B 208 -11.79 15.76 -16.22
N ILE B 209 -10.86 16.03 -15.30
CA ILE B 209 -9.43 15.93 -15.53
C ILE B 209 -8.81 15.32 -14.29
N HIS B 210 -7.96 14.31 -14.48
CA HIS B 210 -7.07 13.85 -13.42
C HIS B 210 -5.69 14.37 -13.73
N ILE B 211 -5.01 14.90 -12.71
CA ILE B 211 -3.55 15.04 -12.79
C ILE B 211 -3.05 13.63 -12.51
N ALA B 212 -2.73 12.90 -13.55
CA ALA B 212 -2.50 11.46 -13.49
C ALA B 212 -1.02 11.17 -13.62
N GLU B 213 -0.43 10.72 -12.52
CA GLU B 213 1.02 10.63 -12.38
C GLU B 213 1.40 9.24 -11.86
N ARG B 214 2.46 8.70 -12.42
CA ARG B 214 3.06 7.46 -11.97
C ARG B 214 4.59 7.61 -11.96
N ASP B 215 5.17 7.54 -10.79
CA ASP B 215 6.60 7.65 -10.60
C ASP B 215 7.15 6.22 -10.45
N THR B 216 7.97 5.80 -11.40
CA THR B 216 8.52 4.44 -11.41
C THR B 216 9.99 4.41 -11.03
N GLN B 217 10.52 5.50 -10.50
CA GLN B 217 11.92 5.53 -10.10
C GLN B 217 12.15 4.57 -8.95
N ARG B 218 13.12 3.66 -9.13
CA ARG B 218 13.42 2.61 -8.16
C ARG B 218 14.82 2.84 -7.59
N ALA B 219 14.97 2.58 -6.30
CA ALA B 219 16.21 2.82 -5.60
C ALA B 219 17.15 1.62 -5.70
N SER B 220 18.43 1.91 -5.51
CA SER B 220 19.47 0.86 -5.49
C SER B 220 19.60 0.18 -4.14
N PHE B 221 18.86 0.62 -3.13
CA PHE B 221 18.89 0.00 -1.81
C PHE B 221 17.47 -0.34 -1.37
N PRO B 222 17.30 -1.40 -0.61
CA PRO B 222 15.95 -1.75 -0.12
C PRO B 222 15.40 -0.70 0.83
N LYS B 223 14.08 -0.68 0.96
CA LYS B 223 13.40 0.33 1.76
C LYS B 223 13.77 0.15 3.23
N PRO B 224 14.43 1.14 3.86
CA PRO B 224 14.80 0.96 5.27
C PRO B 224 13.57 1.11 6.18
N PHE B 225 13.57 0.31 7.26
CA PHE B 225 12.50 0.39 8.23
C PHE B 225 12.53 1.74 8.95
N ASP B 226 11.34 2.32 9.13
CA ASP B 226 11.20 3.56 9.91
C ASP B 226 11.92 4.72 9.23
N VAL B 227 11.98 4.71 7.89
CA VAL B 227 12.46 5.85 7.13
C VAL B 227 11.43 6.14 6.05
N PHE B 228 11.00 7.40 5.94
CA PHE B 228 10.15 7.83 4.84
C PHE B 228 11.05 8.20 3.66
N VAL B 229 10.79 7.57 2.50
CA VAL B 229 11.56 7.74 1.29
C VAL B 229 10.68 8.32 0.18
N ASN B 230 11.18 9.33 -0.52
CA ASN B 230 10.46 9.96 -1.63
C ASN B 230 11.46 10.48 -2.67
N THR B 231 10.94 10.91 -3.83
CA THR B 231 11.79 11.49 -4.88
C THR B 231 11.83 13.00 -4.82
N TRP B 232 11.09 13.61 -3.89
CA TRP B 232 11.09 15.05 -3.67
C TRP B 232 10.73 15.27 -2.20
N SER B 233 10.56 16.54 -1.81
CA SER B 233 10.37 16.85 -0.42
C SER B 233 9.57 15.79 0.35
N VAL B 234 10.14 15.21 1.40
CA VAL B 234 9.36 14.40 2.35
C VAL B 234 8.49 15.28 3.22
N GLU B 235 9.07 16.34 3.79
CA GLU B 235 8.28 17.25 4.63
C GLU B 235 7.10 17.83 3.86
N GLY B 236 7.34 18.29 2.61
CA GLY B 236 6.24 18.82 1.83
C GLY B 236 5.20 17.77 1.47
N PHE B 237 5.63 16.58 1.08
CA PHE B 237 4.66 15.56 0.68
C PHE B 237 3.83 15.10 1.86
N VAL B 238 4.45 14.88 3.00
CA VAL B 238 3.67 14.44 4.17
C VAL B 238 2.72 15.52 4.63
N SER B 239 3.19 16.78 4.63
CA SER B 239 2.31 17.88 5.02
C SER B 239 1.04 17.90 4.17
N GLU B 240 1.20 17.89 2.85
CA GLU B 240 0.05 17.86 1.96
C GLU B 240 -0.77 16.61 2.15
N GLY B 241 -0.10 15.45 2.25
CA GLY B 241 -0.82 14.20 2.34
C GLY B 241 -1.67 14.05 3.58
N LEU B 242 -1.34 14.74 4.65
CA LEU B 242 -2.14 14.69 5.87
C LEU B 242 -3.30 15.68 5.89
N GLN B 243 -3.32 16.63 4.96
CA GLN B 243 -4.40 17.58 4.85
C GLN B 243 -5.62 16.91 4.24
N PRO B 244 -6.79 17.48 4.44
CA PRO B 244 -8.01 16.95 3.79
C PRO B 244 -7.80 16.83 2.28
N ALA B 245 -8.32 15.75 1.71
CA ALA B 245 -8.39 15.63 0.26
C ALA B 245 -9.19 16.81 -0.30
N GLU B 246 -8.74 17.39 -1.42
CA GLU B 246 -9.42 18.51 -2.03
C GLU B 246 -9.51 18.26 -3.53
N LEU B 247 -10.58 18.78 -4.14
CA LEU B 247 -10.70 18.65 -5.58
C LEU B 247 -11.56 19.77 -6.15
N GLY B 248 -11.34 20.06 -7.43
CA GLY B 248 -12.31 20.87 -8.16
C GLY B 248 -13.49 19.98 -8.47
N TRP B 249 -14.68 20.54 -8.27
CA TRP B 249 -15.92 19.79 -8.36
C TRP B 249 -16.71 20.15 -9.61
N GLY B 250 -16.94 19.17 -10.46
CA GLY B 250 -17.56 19.43 -11.74
C GLY B 250 -19.06 19.49 -11.69
N THR B 251 -19.62 20.21 -12.66
CA THR B 251 -21.07 20.30 -12.78
C THR B 251 -21.70 18.96 -13.13
N PHE B 252 -20.95 18.01 -13.69
CA PHE B 252 -21.59 16.75 -14.06
C PHE B 252 -21.77 15.81 -12.88
N GLU B 253 -21.12 16.09 -11.74
CA GLU B 253 -21.13 15.14 -10.64
C GLU B 253 -22.50 15.11 -9.99
N ARG B 254 -22.99 13.89 -9.71
CA ARG B 254 -24.33 13.69 -9.16
C ARG B 254 -24.32 13.06 -7.79
N TRP B 255 -23.14 12.81 -7.22
CA TRP B 255 -23.01 12.19 -5.92
C TRP B 255 -21.75 12.74 -5.26
N MET B 256 -21.80 12.97 -3.96
CA MET B 256 -20.60 13.23 -3.20
C MET B 256 -20.66 12.48 -1.88
N PRO B 257 -19.51 12.11 -1.32
CA PRO B 257 -19.52 11.38 -0.05
C PRO B 257 -20.19 12.19 1.05
N ASP B 258 -20.56 11.48 2.11
CA ASP B 258 -21.18 12.14 3.25
C ASP B 258 -20.22 13.08 3.97
N ASN B 259 -18.92 12.76 3.96
CA ASN B 259 -17.92 13.62 4.62
C ASN B 259 -17.32 14.67 3.67
N ALA B 260 -17.97 14.91 2.53
CA ALA B 260 -17.57 16.01 1.67
C ALA B 260 -18.17 17.33 2.17
N ARG B 261 -17.41 18.41 1.98
CA ARG B 261 -17.82 19.76 2.38
C ARG B 261 -17.43 20.77 1.30
N GLY B 262 -18.24 21.82 1.18
CA GLY B 262 -17.95 22.91 0.26
C GLY B 262 -17.42 24.15 0.97
N HIS B 263 -17.38 25.24 0.24
CA HIS B 263 -16.87 26.51 0.74
C HIS B 263 -17.95 27.59 0.63
N ASP B 264 -18.04 28.44 1.65
CA ASP B 264 -19.02 29.53 1.65
C ASP B 264 -18.61 30.69 0.74
N SER B 265 -17.33 30.85 0.45
CA SER B 265 -16.80 31.99 -0.28
C SER B 265 -15.82 31.52 -1.34
N GLY B 266 -15.26 32.49 -2.08
CA GLY B 266 -14.25 32.23 -3.09
C GLY B 266 -14.86 31.93 -4.44
N CYS B 267 -14.02 31.34 -5.31
CA CYS B 267 -14.41 31.13 -6.70
C CYS B 267 -15.51 30.09 -6.85
N GLY B 268 -15.71 29.25 -5.83
CA GLY B 268 -16.76 28.24 -5.84
C GLY B 268 -16.40 26.92 -6.52
N ALA B 269 -15.15 26.71 -6.91
CA ALA B 269 -14.85 25.55 -7.73
C ALA B 269 -14.47 24.29 -6.96
N GLY B 270 -14.42 24.32 -5.62
CA GLY B 270 -13.80 23.23 -4.88
C GLY B 270 -14.68 22.63 -3.81
N ILE B 271 -14.37 21.36 -3.47
CA ILE B 271 -14.84 20.72 -2.25
C ILE B 271 -13.64 20.07 -1.55
N TYR B 272 -13.87 19.61 -0.33
CA TYR B 272 -12.89 18.81 0.38
C TYR B 272 -13.57 17.67 1.10
N LEU B 273 -12.78 16.64 1.42
CA LEU B 273 -13.26 15.47 2.15
C LEU B 273 -12.61 15.48 3.52
N LEU B 274 -13.35 15.08 4.55
CA LEU B 274 -12.82 15.05 5.90
C LEU B 274 -12.00 13.79 6.14
N GLN B 275 -10.88 13.70 5.39
CA GLN B 275 -9.99 12.54 5.52
C GLN B 275 -8.68 12.88 4.81
N PRO B 276 -7.55 12.30 5.21
CA PRO B 276 -6.27 12.71 4.62
C PRO B 276 -6.15 12.26 3.18
N GLY B 277 -5.65 13.14 2.33
CA GLY B 277 -5.56 12.83 0.91
C GLY B 277 -4.63 11.67 0.62
N ALA B 278 -3.53 11.59 1.34
CA ALA B 278 -2.54 10.53 1.08
C ALA B 278 -2.99 9.16 1.57
N ASN B 279 -4.14 9.07 2.22
CA ASN B 279 -4.77 7.79 2.52
C ASN B 279 -6.11 7.65 1.80
N THR B 280 -6.33 8.41 0.73
CA THR B 280 -7.55 8.38 -0.07
C THR B 280 -7.18 7.92 -1.47
N ARG B 281 -7.73 6.79 -1.91
CA ARG B 281 -7.40 6.19 -3.19
C ARG B 281 -8.49 6.46 -4.21
N VAL B 282 -8.06 6.73 -5.44
CA VAL B 282 -8.95 6.90 -6.57
C VAL B 282 -8.48 6.00 -7.70
N ARG B 283 -9.43 5.54 -8.51
CA ARG B 283 -9.11 4.74 -9.68
C ARG B 283 -8.70 5.65 -10.85
N SER B 284 -7.57 5.34 -11.48
CA SER B 284 -7.05 6.21 -12.53
C SER B 284 -6.18 5.40 -13.47
N TRP B 285 -5.47 6.10 -14.35
CA TRP B 285 -4.84 5.46 -15.50
C TRP B 285 -3.74 6.36 -15.97
N THR B 286 -2.58 5.77 -16.30
CA THR B 286 -1.54 6.43 -17.08
C THR B 286 -1.05 5.44 -18.14
N PRO B 287 -0.33 5.93 -19.16
CA PRO B 287 0.05 5.03 -20.26
C PRO B 287 0.99 3.91 -19.83
N THR B 288 1.91 4.19 -18.91
CA THR B 288 2.85 3.16 -18.48
C THR B 288 2.25 2.29 -17.38
N ALA B 289 1.45 2.89 -16.49
CA ALA B 289 0.82 2.13 -15.42
C ALA B 289 -0.38 1.33 -15.89
N MET B 290 -1.02 1.74 -16.99
CA MET B 290 -2.41 1.29 -17.25
C MET B 290 -3.26 1.65 -16.01
N ALA B 291 -4.25 0.82 -15.67
CA ALA B 291 -5.12 1.10 -14.55
C ALA B 291 -4.33 1.01 -13.25
N GLN B 292 -4.51 2.01 -12.38
CA GLN B 292 -3.80 2.07 -11.11
C GLN B 292 -4.61 2.82 -10.09
N TYR B 293 -4.22 2.65 -8.82
CA TYR B 293 -4.63 3.54 -7.76
C TYR B 293 -3.78 4.78 -7.75
N GLY B 294 -4.42 5.92 -7.60
CA GLY B 294 -3.72 7.15 -7.29
C GLY B 294 -4.17 7.61 -5.91
N PHE B 295 -3.42 8.51 -5.30
CA PHE B 295 -3.80 9.11 -4.03
C PHE B 295 -4.34 10.51 -4.27
N LEU B 296 -5.44 10.85 -3.60
CA LEU B 296 -6.16 12.11 -3.85
C LEU B 296 -5.63 13.22 -2.95
N VAL B 297 -4.37 13.57 -3.19
CA VAL B 297 -3.68 14.59 -2.41
C VAL B 297 -4.08 15.98 -2.88
N THR B 298 -4.36 16.87 -1.92
CA THR B 298 -4.75 18.23 -2.23
C THR B 298 -3.63 18.95 -2.98
N HIS B 299 -4.01 19.75 -3.98
CA HIS B 299 -3.06 20.45 -4.83
C HIS B 299 -3.73 21.70 -5.41
N ASN B 300 -2.94 22.77 -5.58
CA ASN B 300 -3.49 24.04 -6.02
C ASN B 300 -4.15 23.91 -7.38
N GLU B 301 -3.56 23.13 -8.28
CA GLU B 301 -4.07 23.05 -9.65
C GLU B 301 -5.42 22.35 -9.71
N SER B 302 -5.77 21.54 -8.72
CA SER B 302 -7.10 20.94 -8.69
C SER B 302 -8.17 22.02 -8.66
N ILE B 303 -7.92 23.08 -7.90
CA ILE B 303 -8.86 24.21 -7.87
C ILE B 303 -8.64 25.12 -9.06
N SER B 304 -7.39 25.48 -9.34
CA SER B 304 -7.16 26.54 -10.32
C SER B 304 -7.62 26.13 -11.71
N ILE B 305 -7.44 24.85 -12.06
CA ILE B 305 -7.82 24.42 -13.40
C ILE B 305 -9.34 24.35 -13.54
N ALA B 306 -10.02 23.83 -12.51
CA ALA B 306 -11.47 23.81 -12.55
C ALA B 306 -12.04 25.22 -12.61
N ASP B 307 -11.46 26.15 -11.84
CA ASP B 307 -11.87 27.55 -11.92
C ASP B 307 -11.62 28.12 -13.31
N PHE B 308 -10.41 27.96 -13.82
CA PHE B 308 -10.07 28.48 -15.14
C PHE B 308 -11.05 28.03 -16.21
N LEU B 309 -11.49 26.77 -16.14
CA LEU B 309 -12.37 26.19 -17.15
C LEU B 309 -13.88 26.32 -16.80
N THR B 310 -14.25 27.24 -15.94
CA THR B 310 -15.64 27.43 -15.55
C THR B 310 -16.36 28.37 -16.53
N VAL B 311 -17.56 27.98 -16.95
CA VAL B 311 -18.43 28.81 -17.77
C VAL B 311 -19.63 29.21 -16.93
N ARG B 312 -19.94 30.50 -16.91
CA ARG B 312 -21.07 31.02 -16.14
C ARG B 312 -22.14 31.62 -17.06
N ASP B 313 -23.38 31.58 -16.60
CA ASP B 313 -24.45 32.28 -17.27
C ASP B 313 -24.44 33.77 -16.86
N ALA B 314 -25.38 34.54 -17.42
CA ALA B 314 -25.43 35.98 -17.14
C ALA B 314 -25.64 36.24 -15.65
N ALA B 315 -26.46 35.43 -14.99
CA ALA B 315 -26.66 35.58 -13.55
C ALA B 315 -25.41 35.22 -12.74
N GLY B 316 -24.34 34.78 -13.38
CA GLY B 316 -23.08 34.52 -12.71
C GLY B 316 -22.94 33.17 -12.06
N GLN B 317 -23.87 32.25 -12.26
CA GLN B 317 -23.75 30.92 -11.69
C GLN B 317 -23.06 29.97 -12.67
N ALA B 318 -22.27 29.05 -12.13
CA ALA B 318 -21.56 28.10 -12.97
C ALA B 318 -22.55 27.18 -13.64
N VAL B 319 -22.53 27.14 -14.97
CA VAL B 319 -23.29 26.18 -15.74
C VAL B 319 -22.41 25.05 -16.26
N TYR B 320 -21.11 25.27 -16.40
CA TYR B 320 -20.20 24.19 -16.74
C TYR B 320 -18.89 24.35 -15.98
N ARG B 321 -18.37 23.22 -15.47
CA ARG B 321 -17.09 23.20 -14.80
C ARG B 321 -16.60 21.77 -14.77
N PRO B 322 -15.32 21.53 -15.00
CA PRO B 322 -14.82 20.15 -14.92
C PRO B 322 -14.39 19.78 -13.52
N THR B 323 -14.59 18.52 -13.17
CA THR B 323 -13.92 17.96 -12.02
C THR B 323 -12.42 17.97 -12.29
N CYS B 324 -11.62 18.20 -11.26
CA CYS B 324 -10.16 18.16 -11.45
C CYS B 324 -9.52 17.79 -10.12
N HIS B 325 -8.66 16.77 -10.10
CA HIS B 325 -7.96 16.46 -8.87
C HIS B 325 -6.75 15.59 -9.18
N TYR B 326 -5.86 15.52 -8.18
CA TYR B 326 -4.64 14.73 -8.28
C TYR B 326 -5.02 13.25 -8.17
N ALA B 327 -4.33 12.40 -8.95
CA ALA B 327 -4.42 10.93 -8.85
C ALA B 327 -2.99 10.45 -8.90
N TYR B 328 -2.33 10.48 -7.75
CA TYR B 328 -0.88 10.37 -7.68
C TYR B 328 -0.48 8.97 -7.25
N HIS B 329 0.27 8.26 -8.10
CA HIS B 329 0.93 7.02 -7.69
C HIS B 329 2.40 7.34 -7.53
N PRO B 330 2.88 7.60 -6.33
CA PRO B 330 4.29 7.94 -6.16
C PRO B 330 5.19 6.72 -6.32
N CYS B 331 6.51 6.90 -6.15
CA CYS B 331 7.42 5.78 -6.29
C CYS B 331 7.12 4.68 -5.28
N ASN B 332 7.63 3.48 -5.59
CA ASN B 332 7.38 2.32 -4.76
C ASN B 332 7.76 2.56 -3.31
N ASP B 333 8.93 3.15 -3.08
CA ASP B 333 9.35 3.40 -1.71
C ASP B 333 8.44 4.39 -1.01
N ALA B 334 7.87 5.36 -1.73
CA ALA B 334 6.90 6.27 -1.10
C ALA B 334 5.58 5.59 -0.80
N VAL B 335 5.11 4.69 -1.66
CA VAL B 335 3.91 3.91 -1.38
C VAL B 335 4.10 3.13 -0.07
N LEU B 336 5.25 2.40 0.05
CA LEU B 336 5.57 1.72 1.31
C LEU B 336 5.66 2.71 2.48
N SER B 337 6.25 3.89 2.25
CA SER B 337 6.39 4.87 3.31
C SER B 337 5.02 5.33 3.83
N LEU B 338 4.05 5.45 2.95
CA LEU B 338 2.71 5.90 3.37
C LEU B 338 1.97 4.79 4.12
N HIS B 339 2.13 3.56 3.65
CA HIS B 339 1.57 2.40 4.35
C HIS B 339 2.12 2.33 5.77
N GLU B 340 3.42 2.54 5.93
CA GLU B 340 4.07 2.52 7.24
C GLU B 340 3.61 3.70 8.11
N MET B 341 3.58 4.90 7.53
CA MET B 341 3.20 6.08 8.32
C MET B 341 1.77 6.01 8.82
N PHE B 342 0.81 5.74 7.92
CA PHE B 342 -0.58 5.69 8.35
C PHE B 342 -0.84 4.47 9.22
N GLY B 343 -0.13 3.36 8.95
CA GLY B 343 -0.28 2.18 9.78
C GLY B 343 0.21 2.36 11.21
N SER B 344 1.26 3.17 11.41
CA SER B 344 1.74 3.42 12.75
C SER B 344 1.07 4.61 13.39
N GLY B 345 0.46 5.49 12.59
CA GLY B 345 -0.17 6.68 13.13
C GLY B 345 0.79 7.81 13.44
N LYS B 346 2.02 7.76 12.92
CA LYS B 346 2.95 8.86 13.17
C LYS B 346 4.05 8.87 12.11
N ARG B 347 4.62 10.03 11.91
CA ARG B 347 5.76 10.19 11.02
C ARG B 347 6.91 9.30 11.44
N GLN B 348 7.61 8.75 10.45
CA GLN B 348 8.82 7.99 10.73
C GLN B 348 9.88 8.86 11.38
N SER B 349 10.77 8.23 12.13
CA SER B 349 11.82 8.94 12.84
C SER B 349 12.81 9.61 11.90
N ASP B 350 12.88 9.18 10.63
CA ASP B 350 13.85 9.74 9.69
C ASP B 350 13.26 9.74 8.29
N TRP B 351 13.92 10.44 7.39
CA TRP B 351 13.50 10.49 6.00
C TRP B 351 14.71 10.72 5.11
N ARG B 352 14.54 10.45 3.82
CA ARG B 352 15.57 10.72 2.84
C ARG B 352 14.92 10.87 1.48
N ILE B 353 15.50 11.75 0.67
CA ILE B 353 15.09 11.96 -0.72
C ILE B 353 16.08 11.25 -1.61
N LEU B 354 15.56 10.47 -2.56
CA LEU B 354 16.41 9.69 -3.46
C LEU B 354 17.20 10.60 -4.40
N ASP B 355 18.52 10.51 -4.34
CA ASP B 355 19.43 11.19 -5.24
C ASP B 355 19.51 10.42 -6.56
N GLU B 356 19.90 11.13 -7.62
CA GLU B 356 20.01 10.44 -8.91
C GLU B 356 21.05 9.32 -8.87
N THR B 357 22.05 9.41 -8.01
CA THR B 357 23.02 8.31 -7.92
C THR B 357 22.45 7.08 -7.22
N GLU B 358 21.30 7.21 -6.57
CA GLU B 358 20.66 6.11 -5.84
C GLU B 358 19.49 5.51 -6.61
N ILE B 359 19.23 5.96 -7.82
CA ILE B 359 18.12 5.51 -8.64
C ILE B 359 18.70 4.61 -9.72
N VAL B 360 18.20 3.37 -9.79
CA VAL B 360 18.71 2.42 -10.77
C VAL B 360 18.02 2.56 -12.12
N ASP B 361 16.74 2.94 -12.13
CA ASP B 361 16.00 3.12 -13.37
C ASP B 361 14.67 3.77 -13.04
N GLY B 362 13.92 4.10 -14.07
CA GLY B 362 12.55 4.56 -13.95
C GLY B 362 12.33 5.93 -14.55
N ILE B 363 11.07 6.33 -14.53
CA ILE B 363 10.61 7.57 -15.14
C ILE B 363 9.68 8.27 -14.14
N ASP B 364 9.40 9.55 -14.41
CA ASP B 364 8.29 10.24 -13.77
C ASP B 364 7.25 10.57 -14.85
N GLU B 365 6.22 9.77 -14.92
CA GLU B 365 5.19 9.90 -15.94
C GLU B 365 4.13 10.82 -15.37
N LEU B 366 4.08 12.03 -15.88
CA LEU B 366 3.25 13.11 -15.33
C LEU B 366 2.49 13.77 -16.46
N GLY B 367 1.17 13.68 -16.42
CA GLY B 367 0.31 14.22 -17.46
C GLY B 367 -1.07 14.50 -16.93
N VAL B 368 -1.92 14.95 -17.82
CA VAL B 368 -3.32 15.21 -17.53
C VAL B 368 -4.20 14.23 -18.26
N LEU B 369 -5.20 13.69 -17.54
CA LEU B 369 -6.15 12.75 -18.10
C LEU B 369 -7.51 13.43 -18.25
N LEU B 370 -7.86 13.79 -19.49
CA LEU B 370 -9.14 14.42 -19.81
C LEU B 370 -10.16 13.35 -20.19
N TYR B 371 -11.29 13.35 -19.52
CA TYR B 371 -12.25 12.26 -19.71
C TYR B 371 -13.67 12.78 -19.86
N GLY B 372 -14.52 11.92 -20.45
CA GLY B 372 -15.93 12.19 -20.63
C GLY B 372 -16.31 12.65 -22.02
N HIS B 373 -15.34 13.01 -22.84
CA HIS B 373 -15.54 13.48 -24.19
C HIS B 373 -15.77 12.31 -25.15
N GLY B 374 -15.85 12.60 -26.45
CA GLY B 374 -16.26 11.60 -27.42
C GLY B 374 -15.29 10.43 -27.57
N LYS B 375 -14.02 10.62 -27.25
CA LYS B 375 -13.03 9.55 -27.33
C LYS B 375 -12.69 8.98 -25.95
N ASN B 376 -13.58 9.16 -24.99
CA ASN B 376 -13.53 8.62 -23.64
C ASN B 376 -12.46 9.24 -22.77
N ALA B 377 -11.18 9.03 -23.09
CA ALA B 377 -10.12 9.49 -22.20
C ALA B 377 -8.84 9.70 -22.99
N TYR B 378 -8.14 10.77 -22.65
CA TYR B 378 -6.94 11.21 -23.35
C TYR B 378 -5.92 11.65 -22.31
N TRP B 379 -4.74 11.03 -22.31
CA TRP B 379 -3.65 11.35 -21.41
C TRP B 379 -2.59 12.12 -22.20
N TYR B 380 -2.16 13.26 -21.67
CA TYR B 380 -1.14 14.09 -22.33
C TYR B 380 -0.10 14.48 -21.29
N GLY B 381 1.17 14.19 -21.56
CA GLY B 381 2.20 14.63 -20.64
C GLY B 381 3.58 14.05 -20.93
N SER B 382 4.43 14.14 -19.92
CA SER B 382 5.84 13.79 -20.00
C SER B 382 6.11 12.39 -19.48
N GLN B 383 7.07 11.72 -20.11
CA GLN B 383 7.54 10.41 -19.70
C GLN B 383 9.04 10.43 -19.44
N LEU B 384 9.52 11.50 -18.80
CA LEU B 384 10.95 11.72 -18.61
C LEU B 384 11.59 10.60 -17.79
N SER B 385 12.68 10.02 -18.32
CA SER B 385 13.39 8.94 -17.64
C SER B 385 14.55 9.51 -16.84
N ILE B 386 15.01 8.75 -15.82
CA ILE B 386 16.22 9.13 -15.09
C ILE B 386 17.43 9.11 -15.98
N GLU B 387 17.49 8.19 -16.95
CA GLU B 387 18.63 8.15 -17.88
C GLU B 387 18.76 9.47 -18.67
N GLU B 388 17.66 9.92 -19.27
CA GLU B 388 17.73 11.18 -20.01
C GLU B 388 18.06 12.34 -19.07
N THR B 389 17.49 12.34 -17.86
CA THR B 389 17.76 13.40 -16.90
C THR B 389 19.25 13.59 -16.71
N ARG B 390 19.97 12.48 -16.47
CA ARG B 390 21.38 12.60 -16.18
C ARG B 390 22.14 13.21 -17.36
N ARG B 391 21.69 12.97 -18.57
CA ARG B 391 22.43 13.46 -19.73
C ARG B 391 22.24 14.95 -19.97
N ILE B 392 21.17 15.55 -19.47
CA ILE B 392 20.83 16.92 -19.85
C ILE B 392 20.83 17.90 -18.69
N ALA B 393 20.80 17.44 -17.43
CA ALA B 393 20.83 18.38 -16.33
C ALA B 393 21.37 17.72 -15.08
N PRO B 394 22.23 18.41 -14.32
CA PRO B 394 22.86 17.77 -13.15
C PRO B 394 22.04 17.94 -11.89
N ASP B 395 22.38 17.11 -10.89
CA ASP B 395 22.01 17.35 -9.49
C ASP B 395 20.52 17.15 -9.23
N GLN B 396 19.88 16.29 -10.01
CA GLN B 396 18.45 16.06 -9.79
C GLN B 396 18.03 14.75 -10.43
N ASN B 397 16.88 14.24 -9.93
CA ASN B 397 16.27 13.07 -10.55
C ASN B 397 15.20 13.57 -11.52
N ALA B 398 14.41 12.64 -12.09
CA ALA B 398 13.44 13.00 -13.13
C ALA B 398 12.30 13.85 -12.56
N THR B 399 11.86 13.54 -11.34
CA THR B 399 10.87 14.34 -10.65
C THR B 399 11.34 15.79 -10.53
N GLY B 400 12.57 15.97 -10.05
CA GLY B 400 13.12 17.29 -9.86
C GLY B 400 13.25 18.08 -11.15
N LEU B 401 13.62 17.42 -12.25
CA LEU B 401 13.85 18.14 -13.52
C LEU B 401 12.53 18.65 -14.12
N GLN B 402 11.45 17.89 -13.96
CA GLN B 402 10.17 18.41 -14.41
C GLN B 402 9.77 19.68 -13.67
N VAL B 403 10.10 19.77 -12.39
CA VAL B 403 9.78 20.92 -11.59
C VAL B 403 10.72 22.08 -11.92
N SER B 404 12.02 21.82 -11.89
CA SER B 404 12.99 22.89 -12.09
C SER B 404 12.87 23.50 -13.48
N SER B 405 12.57 22.67 -14.50
CA SER B 405 12.40 23.20 -15.86
C SER B 405 11.13 24.01 -15.99
N ALA B 406 10.11 23.70 -15.19
CA ALA B 406 8.94 24.54 -15.16
C ALA B 406 9.23 25.88 -14.50
N VAL B 407 10.07 25.87 -13.45
CA VAL B 407 10.46 27.15 -12.85
C VAL B 407 11.27 27.99 -13.85
N LEU B 408 12.13 27.32 -14.59
CA LEU B 408 12.88 27.97 -15.69
C LEU B 408 11.91 28.66 -16.65
N ALA B 409 10.88 27.93 -17.09
CA ALA B 409 9.95 28.48 -18.06
C ALA B 409 9.18 29.67 -17.50
N GLY B 410 8.72 29.57 -16.24
CA GLY B 410 8.03 30.68 -15.64
C GLY B 410 8.90 31.91 -15.45
N MET B 411 10.19 31.69 -15.15
CA MET B 411 11.14 32.79 -15.05
C MET B 411 11.36 33.46 -16.41
N VAL B 412 11.47 32.68 -17.49
CA VAL B 412 11.58 33.27 -18.82
C VAL B 412 10.33 34.08 -19.13
N TRP B 413 9.16 33.53 -18.86
CA TRP B 413 7.93 34.27 -19.12
C TRP B 413 7.89 35.58 -18.32
N ALA B 414 8.33 35.53 -17.07
CA ALA B 414 8.27 36.71 -16.21
C ALA B 414 9.21 37.80 -16.70
N LEU B 415 10.39 37.41 -17.14
CA LEU B 415 11.30 38.40 -17.70
C LEU B 415 10.77 38.95 -19.01
N GLU B 416 10.13 38.13 -19.82
CA GLU B 416 9.54 38.57 -21.09
C GLU B 416 8.24 39.33 -20.91
N ASN B 417 7.58 39.20 -19.75
CA ASN B 417 6.31 39.84 -19.44
C ASN B 417 6.41 40.41 -18.04
N PRO B 418 7.21 41.44 -17.83
CA PRO B 418 7.54 41.86 -16.47
C PRO B 418 6.54 42.76 -15.79
N ASN B 419 5.46 43.19 -16.46
CA ASN B 419 4.48 44.07 -15.87
C ASN B 419 3.09 43.46 -15.92
N ALA B 420 2.99 42.18 -15.57
CA ALA B 420 1.75 41.42 -15.70
C ALA B 420 1.03 41.22 -14.38
N GLY B 421 1.56 41.73 -13.27
CA GLY B 421 0.93 41.53 -11.99
C GLY B 421 1.04 40.09 -11.51
N ILE B 422 0.24 39.77 -10.50
CA ILE B 422 0.18 38.42 -9.97
C ILE B 422 -0.51 37.50 -10.97
N VAL B 423 0.15 36.40 -11.32
CA VAL B 423 -0.35 35.47 -12.31
C VAL B 423 -0.17 34.04 -11.83
N GLU B 424 -1.12 33.19 -12.20
CA GLU B 424 -1.02 31.74 -12.04
C GLU B 424 -0.47 31.09 -13.31
N ALA B 425 -0.11 29.82 -13.22
CA ALA B 425 0.37 29.12 -14.40
C ALA B 425 -0.68 29.12 -15.50
N ASP B 426 -1.96 29.19 -15.12
CA ASP B 426 -3.03 29.21 -16.12
C ASP B 426 -3.10 30.51 -16.90
N ASP B 427 -2.48 31.56 -16.38
CA ASP B 427 -2.45 32.88 -17.02
C ASP B 427 -1.30 33.07 -18.00
N LEU B 428 -0.28 32.23 -17.97
CA LEU B 428 0.88 32.36 -18.81
C LEU B 428 0.61 31.86 -20.23
N ASP B 429 1.42 32.35 -21.16
CA ASP B 429 1.43 31.87 -22.55
C ASP B 429 1.92 30.44 -22.57
N PHE B 430 0.98 29.47 -22.64
CA PHE B 430 1.38 28.08 -22.48
C PHE B 430 2.33 27.61 -23.59
N ARG B 431 2.14 28.10 -24.82
N ARG B 431 2.13 28.11 -24.81
CA ARG B 431 3.00 27.62 -25.90
CA ARG B 431 2.96 27.68 -25.92
C ARG B 431 4.44 28.10 -25.70
C ARG B 431 4.41 28.10 -25.71
N ARG B 432 4.63 29.34 -25.29
CA ARG B 432 5.97 29.82 -24.98
C ARG B 432 6.59 29.03 -23.83
N CYS B 433 5.82 28.78 -22.76
CA CYS B 433 6.38 28.08 -21.61
C CYS B 433 6.77 26.67 -21.98
N LEU B 434 5.95 25.96 -22.75
CA LEU B 434 6.34 24.61 -23.16
C LEU B 434 7.50 24.64 -24.14
N GLU B 435 7.64 25.71 -24.93
CA GLU B 435 8.80 25.83 -25.82
C GLU B 435 10.09 25.86 -25.03
N VAL B 436 10.10 26.56 -23.89
CA VAL B 436 11.28 26.60 -23.05
C VAL B 436 11.46 25.28 -22.30
N GLN B 437 10.36 24.69 -21.82
CA GLN B 437 10.47 23.53 -20.95
C GLN B 437 10.75 22.23 -21.69
N THR B 438 10.24 22.09 -22.91
CA THR B 438 10.23 20.77 -23.54
C THR B 438 11.61 20.11 -23.69
N PRO B 439 12.71 20.83 -23.89
CA PRO B 439 14.03 20.15 -23.93
C PRO B 439 14.31 19.30 -22.70
N TYR B 440 13.58 19.51 -21.60
CA TYR B 440 13.82 18.83 -20.35
C TYR B 440 12.72 17.83 -19.97
N LEU B 441 11.79 17.54 -20.89
CA LEU B 441 10.61 16.73 -20.54
C LEU B 441 10.63 15.33 -21.14
N GLY B 442 11.63 15.00 -21.93
CA GLY B 442 11.71 13.69 -22.58
C GLY B 442 10.53 13.53 -23.50
N PRO B 443 10.12 12.31 -23.73
CA PRO B 443 8.93 12.08 -24.58
C PRO B 443 7.71 12.80 -24.00
N VAL B 444 7.09 13.64 -24.81
CA VAL B 444 5.82 14.27 -24.48
C VAL B 444 4.80 13.71 -25.45
N VAL B 445 3.81 12.97 -24.92
CA VAL B 445 2.93 12.18 -25.78
C VAL B 445 1.47 12.38 -25.36
N GLY B 446 0.58 12.18 -26.34
CA GLY B 446 -0.86 12.05 -26.07
C GLY B 446 -1.33 10.66 -26.44
N VAL B 447 -2.13 10.04 -25.57
CA VAL B 447 -2.54 8.65 -25.72
C VAL B 447 -4.02 8.58 -25.35
N TYR B 448 -4.82 7.99 -26.22
CA TYR B 448 -6.22 7.68 -25.92
C TYR B 448 -6.34 6.31 -25.27
N THR B 449 -7.38 6.14 -24.46
CA THR B 449 -7.68 4.84 -23.89
C THR B 449 -9.20 4.65 -23.77
N ASP B 450 -9.63 3.39 -23.85
CA ASP B 450 -11.02 3.03 -23.61
C ASP B 450 -11.28 2.60 -22.16
N TRP B 451 -10.27 2.60 -21.32
CA TRP B 451 -10.47 2.32 -19.90
C TRP B 451 -11.42 3.33 -19.27
N THR B 452 -12.27 2.85 -18.37
CA THR B 452 -13.06 3.71 -17.50
C THR B 452 -13.01 3.14 -16.10
N PRO B 453 -13.40 3.92 -15.09
CA PRO B 453 -13.39 3.43 -13.72
C PRO B 453 -14.30 2.24 -13.49
N LEU B 454 -15.21 1.93 -14.40
CA LEU B 454 -16.10 0.78 -14.28
C LEU B 454 -15.53 -0.48 -14.94
N ALA B 455 -14.30 -0.43 -15.44
CA ALA B 455 -13.68 -1.61 -16.06
C ALA B 455 -13.65 -2.77 -15.08
N GLY B 456 -14.22 -3.90 -15.48
CA GLY B 456 -14.26 -5.08 -14.65
C GLY B 456 -15.26 -5.03 -13.51
N ARG B 457 -16.21 -4.11 -13.55
CA ARG B 457 -17.11 -3.93 -12.42
C ARG B 457 -18.56 -3.93 -12.90
N PRO B 458 -19.50 -4.39 -12.06
CA PRO B 458 -19.27 -4.95 -10.71
C PRO B 458 -18.53 -6.29 -10.73
N GLY B 459 -17.78 -6.55 -9.67
CA GLY B 459 -17.11 -7.82 -9.46
C GLY B 459 -17.93 -8.74 -8.57
N LEU B 460 -17.24 -9.48 -7.71
CA LEU B 460 -17.91 -10.47 -6.87
C LEU B 460 -18.71 -9.85 -5.75
N PHE B 461 -18.41 -8.57 -5.39
CA PHE B 461 -19.03 -7.99 -4.21
C PHE B 461 -19.96 -6.86 -4.60
N PRO B 462 -21.01 -6.61 -3.80
CA PRO B 462 -21.87 -5.45 -4.08
C PRO B 462 -21.07 -4.16 -4.07
N GLU B 463 -21.39 -3.28 -5.01
CA GLU B 463 -20.76 -1.97 -5.10
C GLU B 463 -21.82 -0.94 -5.46
N ASP B 464 -21.69 0.25 -4.87
CA ASP B 464 -22.57 1.37 -5.21
C ASP B 464 -21.94 2.12 -6.39
N ILE B 465 -22.35 1.77 -7.61
CA ILE B 465 -21.79 2.35 -8.81
C ILE B 465 -22.90 2.99 -9.64
N ASP B 466 -22.49 3.79 -10.63
CA ASP B 466 -23.40 4.48 -11.53
C ASP B 466 -23.03 4.09 -12.96
N THR B 467 -23.73 3.11 -13.52
CA THR B 467 -23.38 2.59 -14.83
C THR B 467 -23.78 3.52 -15.96
N SER B 468 -24.64 4.51 -15.70
CA SER B 468 -24.99 5.44 -16.76
C SER B 468 -23.86 6.39 -17.08
N ASP B 469 -22.88 6.54 -16.18
CA ASP B 469 -21.84 7.56 -16.33
C ASP B 469 -20.60 7.06 -15.63
N PRO B 470 -19.75 6.32 -16.34
CA PRO B 470 -18.65 5.63 -15.65
C PRO B 470 -17.61 6.57 -15.04
N TRP B 471 -17.55 7.83 -15.42
CA TRP B 471 -16.54 8.73 -14.87
C TRP B 471 -17.00 9.51 -13.66
N GLN B 472 -18.22 9.27 -13.18
CA GLN B 472 -18.65 9.88 -11.93
C GLN B 472 -17.67 9.57 -10.81
N PHE B 473 -17.46 10.57 -9.94
CA PHE B 473 -16.61 10.41 -8.79
C PHE B 473 -17.08 9.28 -7.90
N ARG B 474 -18.39 9.03 -7.86
CA ARG B 474 -18.93 7.84 -7.22
C ARG B 474 -18.21 6.57 -7.64
N ASN B 475 -17.76 6.49 -8.89
CA ASN B 475 -17.10 5.28 -9.37
C ASN B 475 -15.59 5.34 -9.21
N VAL B 476 -15.03 6.55 -9.19
CA VAL B 476 -13.59 6.76 -9.12
C VAL B 476 -13.09 6.53 -7.69
N LEU B 477 -13.77 7.11 -6.71
CA LEU B 477 -13.30 7.05 -5.35
C LEU B 477 -13.36 5.62 -4.84
N VAL B 478 -12.29 5.17 -4.23
CA VAL B 478 -12.24 3.85 -3.62
C VAL B 478 -12.87 3.96 -2.24
N ARG B 479 -13.93 3.19 -2.00
CA ARG B 479 -14.64 3.20 -0.72
C ARG B 479 -14.67 1.80 -0.08
PA NAD C . 3.03 -23.06 -4.27
O1A NAD C . 4.49 -22.76 -4.10
O2A NAD C . 2.11 -22.25 -5.14
O5B NAD C . 2.96 -24.60 -4.71
C5B NAD C . 1.74 -25.20 -5.05
C4B NAD C . 2.10 -26.49 -5.80
O4B NAD C . 0.91 -27.24 -6.00
C3B NAD C . 2.71 -26.19 -7.19
O3B NAD C . 3.95 -26.87 -7.35
C2B NAD C . 1.70 -26.74 -8.19
O2B NAD C . 2.34 -27.30 -9.32
C1B NAD C . 0.98 -27.78 -7.34
N9A NAD C . -0.36 -28.13 -7.83
C8A NAD C . -1.22 -27.34 -8.48
N7A NAD C . -2.34 -28.04 -8.80
C5A NAD C . -2.18 -29.28 -8.34
C6A NAD C . -2.98 -30.50 -8.35
N6A NAD C . -4.21 -30.47 -8.91
N1A NAD C . -2.46 -31.61 -7.80
C2A NAD C . -1.24 -31.60 -7.22
N3A NAD C . -0.45 -30.52 -7.17
C4A NAD C . -0.88 -29.35 -7.70
O3 NAD C . 2.28 -23.10 -2.85
PN NAD C . 3.00 -23.31 -1.43
O1N NAD C . 3.81 -24.58 -1.45
O2N NAD C . 3.63 -22.02 -0.98
O5D NAD C . 1.63 -23.58 -0.63
C5D NAD C . 1.13 -24.90 -0.59
C4D NAD C . -0.20 -24.94 0.10
O4D NAD C . -0.01 -24.71 1.51
C3D NAD C . -1.15 -23.86 -0.38
O3D NAD C . -2.45 -24.47 -0.50
C2D NAD C . -1.22 -22.81 0.75
O2D NAD C . -2.56 -22.32 0.87
C1D NAD C . -0.79 -23.61 1.97
N1N NAD C . -0.01 -22.88 2.96
C2N NAD C . -0.44 -22.94 4.26
C3N NAD C . 0.27 -22.24 5.24
C7N NAD C . -0.11 -22.30 6.72
O7N NAD C . 0.63 -21.79 7.53
N7N NAD C . -1.16 -23.00 7.14
C4N NAD C . 1.36 -21.48 4.88
C5N NAD C . 1.77 -21.45 3.54
C6N NAD C . 1.05 -22.18 2.62
H51A NAD C . 1.16 -25.42 -4.15
H52A NAD C . 1.14 -24.54 -5.68
H4B NAD C . 2.84 -27.04 -5.20
H3B NAD C . 2.91 -25.12 -7.33
HO3A NAD C . 4.36 -26.61 -8.17
H2B NAD C . 1.02 -25.99 -8.62
HO2A NAD C . 2.87 -26.62 -9.76
H1B NAD C . 1.55 -28.71 -7.41
H8A NAD C . -1.05 -26.30 -8.72
H61A NAD C . -4.77 -31.31 -8.93
H62A NAD C . -4.56 -29.62 -9.32
H2A NAD C . -0.88 -32.52 -6.77
H51N NAD C . 1.83 -25.55 -0.06
H52N NAD C . 1.01 -25.28 -1.61
H4D NAD C . -0.63 -25.92 -0.11
H3D NAD C . -0.84 -23.41 -1.33
HO3N NAD C . -3.05 -23.84 -0.93
H2D NAD C . -0.61 -21.91 0.57
HO2N NAD C . -2.79 -21.83 0.07
H1D NAD C . -1.73 -23.89 2.49
H2N NAD C . -1.30 -23.53 4.52
H71N NAD C . -1.35 -23.09 8.12
H72N NAD C . -1.76 -23.45 6.46
H4N NAD C . 1.90 -20.92 5.63
H5N NAD C . 2.64 -20.88 3.25
H6N NAD C . 1.36 -22.18 1.59
PA NAD D . 13.06 19.83 0.27
O1A NAD D . 12.30 19.40 1.54
O2A NAD D . 14.02 18.93 -0.36
O5B NAD D . 13.83 21.21 0.56
C5B NAD D . 13.18 22.25 1.30
C4B NAD D . 14.27 23.25 1.69
O4B NAD D . 13.72 24.39 2.33
C3B NAD D . 15.28 22.62 2.67
O3B NAD D . 16.63 22.73 2.19
C2B NAD D . 15.15 23.40 3.97
O2B NAD D . 16.37 23.57 4.64
C1B NAD D . 14.60 24.76 3.43
N9A NAD D . 13.92 25.54 4.44
C8A NAD D . 13.25 25.09 5.52
N7A NAD D . 12.77 26.15 6.23
C5A NAD D . 13.19 27.26 5.60
C6A NAD D . 13.03 28.68 5.81
N6A NAD D . 12.32 29.08 6.88
N1A NAD D . 13.60 29.54 4.94
C2A NAD D . 14.29 29.11 3.87
N3A NAD D . 14.48 27.79 3.58
C4A NAD D . 13.94 26.86 4.42
O3 NAD D . 11.86 20.27 -0.72
PN NAD D . 11.90 20.33 -2.33
O1N NAD D . 13.08 21.12 -2.76
O2N NAD D . 11.66 18.94 -2.86
O5D NAD D . 10.61 21.22 -2.50
C5D NAD D . 10.61 22.62 -2.14
C4D NAD D . 9.24 23.25 -2.29
O4D NAD D . 8.74 23.04 -3.63
C3D NAD D . 8.18 22.67 -1.37
O3D NAD D . 7.36 23.75 -0.90
C2D NAD D . 7.36 21.70 -2.23
O2D NAD D . 6.05 21.55 -1.80
C1D NAD D . 7.45 22.40 -3.60
N1N NAD D . 7.32 21.51 -4.75
C2N NAD D . 6.49 21.87 -5.74
C3N NAD D . 6.32 21.07 -6.86
C7N NAD D . 5.42 21.46 -8.02
O7N NAD D . 5.44 20.75 -9.01
N7N NAD D . 4.69 22.59 -7.97
C4N NAD D . 7.02 19.88 -6.94
C5N NAD D . 7.89 19.52 -5.90
C6N NAD D . 8.04 20.39 -4.83
H51A NAD D . 12.69 21.86 2.19
H52A NAD D . 12.43 22.75 0.69
H4B NAD D . 14.78 23.53 0.76
H3B NAD D . 15.09 21.54 2.78
HO3A NAD D . 17.23 22.34 2.84
H2B NAD D . 14.52 22.91 4.72
HO2A NAD D . 16.74 22.70 4.85
H1B NAD D . 15.42 25.40 3.10
H8A NAD D . 13.10 24.05 5.78
H61A NAD D . 12.21 30.08 7.06
H62A NAD D . 11.91 28.41 7.50
H2A NAD D . 14.72 29.85 3.20
H51N NAD D . 11.32 23.15 -2.77
H52N NAD D . 10.93 22.71 -1.10
H4D NAD D . 9.40 24.31 -2.05
H3D NAD D . 8.60 22.14 -0.49
HO3N NAD D . 6.57 23.40 -0.45
H2D NAD D . 7.74 20.66 -2.22
HO2N NAD D . 6.04 21.14 -0.92
H1D NAD D . 6.60 23.11 -3.68
H2N NAD D . 5.94 22.80 -5.66
H71N NAD D . 4.13 22.86 -8.76
H72N NAD D . 4.70 23.18 -7.15
H4N NAD D . 6.91 19.24 -7.80
H5N NAD D . 8.44 18.59 -5.94
H6N NAD D . 8.76 20.15 -4.05
#